data_8GAI
#
_entry.id   8GAI
#
_cell.length_a   75.008
_cell.length_b   99.269
_cell.length_c   123.759
_cell.angle_alpha   90.000
_cell.angle_beta   90.000
_cell.angle_gamma   90.000
#
_symmetry.space_group_name_H-M   'P 21 21 21'
#
loop_
_entity.id
_entity.type
_entity.pdbx_description
1 polymer 'Importin subunit alpha'
2 polymer Bimax2
3 water water
#
loop_
_entity_poly.entity_id
_entity_poly.type
_entity_poly.pdbx_seq_one_letter_code
_entity_poly.pdbx_strand_id
1 'polypeptide(L)'
;QSTSPLQENRNNQGTVNWTVDDIVKGINSNNLENQLQATQAARKLLSREKQPPIDHIIRAGLIPKFVSFLGRTDCSPIQF
ESAWALTNIASGSSEQTKAVVDGGAIPALISLLASPHAHISEQAVWALGNIAGDGSVFRDLVIKYGAIDPLLALLAVPDM
SSLAGGYLRNLTWTLSNLCRNKNPAPPLDAVEQILPTLVRLLHHNDLEVLADTCWAISYLTDGPNERIEMVVKTGVVPHL
VKLLGSNELSIMTPALRAIGNIVTGTDEQTQIVIDAGALAVFPSLLVHPKTNIQKEATWTMSNITAGRQDQIQQVVNHGL
VPILVSVLSKADFKTQKEAVWAVTNYTSGGTVEQIVYLVHCGIIEPLMNLLTAKDTKIILVILDAISNIFQAAEKLGETE
KLSIMIEECGGLDKIEALQNHENESVYKASLNLIEKYFSVEEEEDQTVVPETTSEGYTFQVQDGAPGSFNF
;
A,C
2 'polypeptide(L)' QSGSRRRRRRKRKREWDDDDDPPKKRRRLD B,D
#
# COMPACT_ATOMS: atom_id res chain seq x y z
N TRP A 18 -16.79 -1.31 20.66
CA TRP A 18 -17.16 -0.15 19.86
C TRP A 18 -17.04 -0.40 18.36
N THR A 19 -17.90 0.26 17.60
CA THR A 19 -17.81 0.29 16.14
C THR A 19 -17.23 1.62 15.68
N VAL A 20 -16.83 1.67 14.41
CA VAL A 20 -16.39 2.93 13.84
C VAL A 20 -17.50 3.97 13.93
N ASP A 21 -18.76 3.54 13.85
CA ASP A 21 -19.88 4.46 13.98
C ASP A 21 -19.91 5.10 15.37
N ASP A 22 -19.73 4.29 16.41
CA ASP A 22 -19.70 4.81 17.77
C ASP A 22 -18.52 5.76 17.96
N ILE A 23 -17.35 5.40 17.42
CA ILE A 23 -16.17 6.25 17.52
C ILE A 23 -16.44 7.59 16.84
N VAL A 24 -17.06 7.56 15.67
CA VAL A 24 -17.36 8.79 14.94
C VAL A 24 -18.34 9.64 15.72
N LYS A 25 -19.33 9.01 16.34
CA LYS A 25 -20.32 9.76 17.10
C LYS A 25 -19.67 10.43 18.32
N GLY A 26 -18.83 9.69 19.03
CA GLY A 26 -18.16 10.26 20.19
C GLY A 26 -17.20 11.37 19.83
N ILE A 27 -16.47 11.21 18.71
CA ILE A 27 -15.43 12.18 18.37
C ILE A 27 -16.04 13.51 17.93
N ASN A 28 -17.25 13.50 17.37
CA ASN A 28 -17.93 14.73 17.01
C ASN A 28 -18.83 15.24 18.11
N SER A 29 -18.59 14.83 19.34
CA SER A 29 -19.36 15.29 20.48
C SER A 29 -18.72 16.51 21.11
N ASN A 30 -19.54 17.33 21.75
CA ASN A 30 -19.05 18.52 22.43
C ASN A 30 -18.47 18.20 23.80
N ASN A 31 -18.58 16.96 24.26
CA ASN A 31 -18.07 16.54 25.55
C ASN A 31 -16.68 15.96 25.36
N LEU A 32 -15.68 16.56 26.00
CA LEU A 32 -14.31 16.10 25.81
C LEU A 32 -14.13 14.66 26.28
N GLU A 33 -14.85 14.25 27.32
CA GLU A 33 -14.69 12.90 27.82
C GLU A 33 -15.19 11.88 26.81
N ASN A 34 -16.29 12.17 26.11
CA ASN A 34 -16.75 11.28 25.05
C ASN A 34 -15.74 11.22 23.92
N GLN A 35 -15.16 12.35 23.55
CA GLN A 35 -14.12 12.35 22.51
C GLN A 35 -12.94 11.50 22.94
N LEU A 36 -12.54 11.60 24.21
CA LEU A 36 -11.42 10.81 24.71
C LEU A 36 -11.75 9.33 24.70
N GLN A 37 -12.95 8.96 25.15
CA GLN A 37 -13.33 7.55 25.13
C GLN A 37 -13.38 7.01 23.71
N ALA A 38 -13.86 7.81 22.76
CA ALA A 38 -13.90 7.37 21.37
C ALA A 38 -12.49 7.22 20.79
N THR A 39 -11.60 8.16 21.13
CA THR A 39 -10.22 8.04 20.67
C THR A 39 -9.54 6.81 21.29
N GLN A 40 -9.85 6.52 22.55
CA GLN A 40 -9.33 5.31 23.18
C GLN A 40 -9.85 4.07 22.47
N ALA A 41 -11.13 4.05 22.10
CA ALA A 41 -11.67 2.91 21.38
C ALA A 41 -11.00 2.74 20.02
N ALA A 42 -10.78 3.85 19.30
CA ALA A 42 -10.11 3.77 18.00
C ALA A 42 -8.68 3.26 18.17
N ARG A 43 -7.96 3.81 19.14
CA ARG A 43 -6.60 3.37 19.41
C ARG A 43 -6.58 1.89 19.78
N LYS A 44 -7.59 1.43 20.52
CA LYS A 44 -7.62 0.02 20.92
C LYS A 44 -7.89 -0.87 19.70
N LEU A 45 -8.75 -0.43 18.79
CA LEU A 45 -8.90 -1.18 17.54
C LEU A 45 -7.57 -1.27 16.79
N LEU A 46 -6.81 -0.18 16.77
CA LEU A 46 -5.58 -0.16 16.00
C LEU A 46 -4.42 -0.88 16.69
N SER A 47 -4.41 -0.91 18.02
CA SER A 47 -3.29 -1.49 18.78
C SER A 47 -3.52 -2.93 19.20
N ARG A 48 -4.76 -3.35 19.41
CA ARG A 48 -5.05 -4.67 19.97
C ARG A 48 -5.50 -5.69 18.93
N GLU A 49 -6.09 -5.25 17.82
CA GLU A 49 -6.59 -6.17 16.79
C GLU A 49 -5.52 -6.46 15.74
N LYS A 50 -5.25 -7.74 15.52
CA LYS A 50 -4.49 -8.15 14.34
C LYS A 50 -5.34 -7.92 13.09
N GLN A 51 -4.71 -7.35 12.06
CA GLN A 51 -5.42 -6.90 10.87
C GLN A 51 -6.41 -5.84 11.32
N PRO A 52 -5.94 -4.65 11.68
CA PRO A 52 -6.84 -3.62 12.21
C PRO A 52 -7.62 -2.96 11.09
N PRO A 53 -8.73 -2.29 11.41
CA PRO A 53 -9.55 -1.64 10.38
C PRO A 53 -9.03 -0.26 9.99
N ILE A 54 -7.79 -0.22 9.51
CA ILE A 54 -7.15 1.05 9.22
C ILE A 54 -7.91 1.80 8.13
N ASP A 55 -8.26 1.09 7.05
CA ASP A 55 -8.88 1.76 5.91
C ASP A 55 -10.27 2.28 6.26
N HIS A 56 -11.03 1.53 7.07
CA HIS A 56 -12.32 2.02 7.52
C HIS A 56 -12.16 3.26 8.39
N ILE A 57 -11.13 3.28 9.24
CA ILE A 57 -10.88 4.45 10.08
C ILE A 57 -10.52 5.66 9.23
N ILE A 58 -9.72 5.46 8.18
CA ILE A 58 -9.37 6.59 7.33
C ILE A 58 -10.61 7.06 6.56
N ARG A 59 -11.43 6.13 6.08
CA ARG A 59 -12.63 6.49 5.35
C ARG A 59 -13.63 7.20 6.24
N ALA A 60 -13.58 6.97 7.55
CA ALA A 60 -14.46 7.65 8.49
C ALA A 60 -14.04 9.10 8.74
N GLY A 61 -12.90 9.52 8.22
CA GLY A 61 -12.49 10.91 8.38
C GLY A 61 -11.98 11.25 9.76
N LEU A 62 -11.38 10.29 10.45
CA LEU A 62 -10.92 10.51 11.82
C LEU A 62 -9.51 11.08 11.90
N ILE A 63 -8.74 11.00 10.82
CA ILE A 63 -7.36 11.51 10.84
C ILE A 63 -7.35 12.99 11.16
N PRO A 64 -8.16 13.84 10.52
CA PRO A 64 -8.21 15.26 10.95
C PRO A 64 -8.53 15.41 12.43
N LYS A 65 -9.39 14.54 12.96
CA LYS A 65 -9.76 14.64 14.37
C LYS A 65 -8.59 14.28 15.28
N PHE A 66 -7.84 13.23 14.96
CA PHE A 66 -6.66 12.90 15.74
C PHE A 66 -5.63 14.02 15.67
N VAL A 67 -5.40 14.55 14.47
CA VAL A 67 -4.45 15.64 14.31
C VAL A 67 -4.87 16.84 15.14
N SER A 68 -6.19 17.10 15.21
CA SER A 68 -6.69 18.19 16.03
C SER A 68 -6.47 17.91 17.51
N PHE A 69 -6.73 16.68 17.95
CA PHE A 69 -6.55 16.34 19.36
C PHE A 69 -5.09 16.45 19.77
N LEU A 70 -4.17 16.29 18.82
CA LEU A 70 -2.75 16.34 19.16
C LEU A 70 -2.40 17.66 19.87
N GLY A 71 -3.13 18.73 19.59
CA GLY A 71 -2.84 20.03 20.14
C GLY A 71 -3.60 20.37 21.40
N ARG A 72 -4.30 19.42 22.00
CA ARG A 72 -5.16 19.67 23.16
C ARG A 72 -4.30 19.48 24.42
N THR A 73 -3.44 20.46 24.67
CA THR A 73 -2.60 20.43 25.86
C THR A 73 -3.42 20.44 27.14
N ASP A 74 -4.66 20.93 27.09
CA ASP A 74 -5.53 20.86 28.27
C ASP A 74 -5.88 19.44 28.65
N CYS A 75 -5.79 18.50 27.71
CA CYS A 75 -6.07 17.09 27.96
C CYS A 75 -4.95 16.25 27.33
N SER A 76 -3.95 15.92 28.13
CA SER A 76 -2.81 15.15 27.64
C SER A 76 -3.22 13.73 27.23
N PRO A 77 -4.18 13.09 27.92
CA PRO A 77 -4.57 11.74 27.49
C PRO A 77 -5.05 11.66 26.06
N ILE A 78 -5.85 12.64 25.60
CA ILE A 78 -6.33 12.57 24.23
C ILE A 78 -5.18 12.78 23.25
N GLN A 79 -4.20 13.60 23.62
CA GLN A 79 -2.99 13.73 22.82
C GLN A 79 -2.31 12.38 22.68
N PHE A 80 -2.08 11.69 23.81
CA PHE A 80 -1.40 10.41 23.77
C PHE A 80 -2.16 9.42 22.90
N GLU A 81 -3.49 9.34 23.09
CA GLU A 81 -4.27 8.37 22.35
C GLU A 81 -4.26 8.67 20.86
N SER A 82 -4.37 9.95 20.49
CA SER A 82 -4.33 10.32 19.08
C SER A 82 -2.97 10.03 18.47
N ALA A 83 -1.88 10.33 19.20
CA ALA A 83 -0.55 10.05 18.67
C ALA A 83 -0.36 8.55 18.45
N TRP A 84 -0.85 7.74 19.37
CA TRP A 84 -0.77 6.29 19.23
C TRP A 84 -1.59 5.81 18.02
N ALA A 85 -2.81 6.31 17.89
CA ALA A 85 -3.64 5.94 16.75
C ALA A 85 -2.97 6.32 15.43
N LEU A 86 -2.41 7.52 15.36
CA LEU A 86 -1.74 7.97 14.15
C LEU A 86 -0.49 7.11 13.87
N THR A 87 0.22 6.71 14.92
CA THR A 87 1.36 5.83 14.74
C THR A 87 0.93 4.54 14.08
N ASN A 88 -0.13 3.92 14.60
CA ASN A 88 -0.54 2.62 14.05
C ASN A 88 -1.16 2.76 12.67
N ILE A 89 -1.79 3.91 12.37
CA ILE A 89 -2.29 4.13 11.01
C ILE A 89 -1.11 4.27 10.04
N ALA A 90 -0.15 5.14 10.38
CA ALA A 90 1.01 5.37 9.53
C ALA A 90 1.97 4.20 9.47
N SER A 91 1.72 3.13 10.23
CA SER A 91 2.57 1.96 10.22
C SER A 91 2.20 0.97 9.13
N GLY A 92 1.15 1.24 8.37
CA GLY A 92 0.69 0.35 7.31
C GLY A 92 1.23 0.74 5.95
N SER A 93 0.35 0.64 4.95
CA SER A 93 0.74 0.87 3.57
C SER A 93 1.16 2.33 3.36
N SER A 94 1.72 2.60 2.18
CA SER A 94 2.11 3.95 1.83
C SER A 94 0.90 4.87 1.69
N GLU A 95 -0.23 4.35 1.22
CA GLU A 95 -1.43 5.18 1.13
C GLU A 95 -1.99 5.52 2.50
N GLN A 96 -1.90 4.61 3.47
CA GLN A 96 -2.37 4.93 4.81
C GLN A 96 -1.47 5.96 5.48
N THR A 97 -0.14 5.78 5.36
CA THR A 97 0.76 6.81 5.85
C THR A 97 0.52 8.13 5.14
N LYS A 98 0.18 8.07 3.85
CA LYS A 98 -0.12 9.28 3.09
C LYS A 98 -1.40 9.93 3.59
N ALA A 99 -2.40 9.13 3.98
CA ALA A 99 -3.58 9.69 4.59
C ALA A 99 -3.22 10.43 5.86
N VAL A 100 -2.29 9.86 6.64
CA VAL A 100 -1.80 10.54 7.84
C VAL A 100 -1.11 11.85 7.48
N VAL A 101 -0.28 11.82 6.44
CA VAL A 101 0.50 13.00 6.07
C VAL A 101 -0.41 14.09 5.52
N ASP A 102 -1.40 13.72 4.72
CA ASP A 102 -2.30 14.70 4.11
C ASP A 102 -3.27 15.31 5.12
N GLY A 103 -3.46 14.66 6.27
CA GLY A 103 -4.26 15.24 7.32
C GLY A 103 -3.56 16.29 8.14
N GLY A 104 -2.30 16.57 7.84
CA GLY A 104 -1.55 17.55 8.58
C GLY A 104 -0.86 17.02 9.81
N ALA A 105 -0.53 15.72 9.85
CA ALA A 105 0.00 15.13 11.07
C ALA A 105 1.43 15.54 11.35
N ILE A 106 2.23 15.82 10.31
CA ILE A 106 3.67 16.02 10.52
C ILE A 106 3.95 17.22 11.43
N PRO A 107 3.45 18.43 11.15
CA PRO A 107 3.77 19.55 12.07
C PRO A 107 3.18 19.35 13.45
N ALA A 108 1.98 18.78 13.55
CA ALA A 108 1.38 18.54 14.85
C ALA A 108 2.24 17.60 15.68
N LEU A 109 2.74 16.53 15.07
CA LEU A 109 3.61 15.59 15.79
C LEU A 109 4.95 16.23 16.15
N ILE A 110 5.50 17.04 15.24
CA ILE A 110 6.75 17.73 15.56
C ILE A 110 6.56 18.63 16.76
N SER A 111 5.43 19.34 16.82
CA SER A 111 5.14 20.19 17.97
C SER A 111 4.91 19.35 19.22
N LEU A 112 4.25 18.20 19.08
CA LEU A 112 4.03 17.32 20.23
C LEU A 112 5.34 16.78 20.78
N LEU A 113 6.39 16.75 19.95
CA LEU A 113 7.71 16.34 20.45
C LEU A 113 8.09 17.10 21.71
N ALA A 114 7.62 18.34 21.85
CA ALA A 114 7.95 19.18 22.97
C ALA A 114 7.00 19.02 24.15
N SER A 115 6.17 17.99 24.13
CA SER A 115 5.24 17.79 25.22
C SER A 115 6.01 17.54 26.51
N PRO A 116 5.58 18.09 27.65
CA PRO A 116 6.30 17.84 28.91
C PRO A 116 6.20 16.39 29.36
N HIS A 117 5.16 15.67 28.97
CA HIS A 117 5.01 14.25 29.29
C HIS A 117 5.85 13.43 28.33
N ALA A 118 6.79 12.65 28.87
CA ALA A 118 7.75 11.96 28.02
C ALA A 118 7.07 10.92 27.13
N HIS A 119 6.04 10.24 27.65
CA HIS A 119 5.41 9.17 26.87
C HIS A 119 4.71 9.73 25.64
N ILE A 120 4.11 10.92 25.76
CA ILE A 120 3.47 11.55 24.61
C ILE A 120 4.50 11.97 23.57
N SER A 121 5.56 12.65 24.01
CA SER A 121 6.61 13.06 23.08
C SER A 121 7.21 11.85 22.36
N GLU A 122 7.41 10.75 23.08
CA GLU A 122 8.01 9.57 22.47
C GLU A 122 7.04 8.88 21.51
N GLN A 123 5.73 8.94 21.81
CA GLN A 123 4.78 8.44 20.82
C GLN A 123 4.83 9.29 19.55
N ALA A 124 5.03 10.60 19.70
CA ALA A 124 5.20 11.46 18.53
C ALA A 124 6.47 11.08 17.76
N VAL A 125 7.55 10.79 18.48
CA VAL A 125 8.78 10.34 17.84
C VAL A 125 8.52 9.09 17.00
N TRP A 126 7.84 8.11 17.59
CA TRP A 126 7.54 6.87 16.88
C TRP A 126 6.68 7.13 15.64
N ALA A 127 5.67 7.99 15.76
CA ALA A 127 4.83 8.31 14.61
C ALA A 127 5.65 8.92 13.48
N LEU A 128 6.48 9.91 13.82
CA LEU A 128 7.33 10.54 12.81
C LEU A 128 8.29 9.53 12.19
N GLY A 129 8.76 8.57 12.99
CA GLY A 129 9.64 7.55 12.45
C GLY A 129 8.94 6.69 11.42
N ASN A 130 7.70 6.29 11.69
CA ASN A 130 6.94 5.55 10.69
C ASN A 130 6.78 6.36 9.41
N ILE A 131 6.34 7.61 9.56
CA ILE A 131 6.11 8.47 8.40
C ILE A 131 7.37 8.56 7.56
N ALA A 132 8.51 8.87 8.20
CA ALA A 132 9.75 9.03 7.45
C ALA A 132 10.23 7.71 6.86
N GLY A 133 9.93 6.60 7.52
CA GLY A 133 10.32 5.31 6.99
C GLY A 133 9.51 4.86 5.81
N ASP A 134 8.39 5.55 5.53
CA ASP A 134 7.63 5.19 4.34
C ASP A 134 8.39 5.43 3.04
N GLY A 135 9.32 6.38 3.01
CA GLY A 135 9.99 6.71 1.77
C GLY A 135 10.70 8.04 1.84
N SER A 136 11.40 8.36 0.74
CA SER A 136 12.20 9.58 0.69
C SER A 136 11.33 10.84 0.68
N VAL A 137 10.14 10.78 0.09
CA VAL A 137 9.30 11.97 0.01
C VAL A 137 8.89 12.41 1.41
N PHE A 138 8.26 11.50 2.16
CA PHE A 138 7.84 11.85 3.52
C PHE A 138 9.04 12.07 4.44
N ARG A 139 10.16 11.41 4.16
CA ARG A 139 11.38 11.67 4.92
C ARG A 139 11.80 13.13 4.77
N ASP A 140 11.86 13.61 3.52
CA ASP A 140 12.20 15.00 3.29
C ASP A 140 11.14 15.94 3.84
N LEU A 141 9.88 15.50 3.90
CA LEU A 141 8.85 16.35 4.52
C LEU A 141 9.11 16.50 6.01
N VAL A 142 9.35 15.38 6.70
CA VAL A 142 9.63 15.44 8.14
C VAL A 142 10.85 16.30 8.40
N ILE A 143 11.87 16.20 7.53
CA ILE A 143 13.05 17.03 7.71
C ILE A 143 12.73 18.50 7.46
N LYS A 144 11.88 18.76 6.46
CA LYS A 144 11.58 20.13 6.06
C LYS A 144 10.82 20.89 7.14
N TYR A 145 9.95 20.21 7.87
CA TYR A 145 9.17 20.85 8.92
C TYR A 145 9.91 20.96 10.25
N GLY A 146 11.20 20.65 10.27
CA GLY A 146 12.02 20.95 11.43
C GLY A 146 11.95 19.94 12.55
N ALA A 147 11.99 18.64 12.23
CA ALA A 147 11.92 17.62 13.27
C ALA A 147 13.28 17.35 13.91
N ILE A 148 14.36 17.62 13.19
CA ILE A 148 15.68 17.17 13.62
C ILE A 148 16.09 17.86 14.92
N ASP A 149 15.88 19.18 15.01
CA ASP A 149 16.29 19.90 16.21
C ASP A 149 15.51 19.43 17.44
N PRO A 150 14.19 19.35 17.43
CA PRO A 150 13.50 18.80 18.62
C PRO A 150 13.92 17.38 18.94
N LEU A 151 14.10 16.54 17.92
CA LEU A 151 14.52 15.16 18.18
C LEU A 151 15.88 15.13 18.88
N LEU A 152 16.83 15.91 18.37
CA LEU A 152 18.16 15.95 18.99
C LEU A 152 18.11 16.57 20.38
N ALA A 153 17.19 17.50 20.61
CA ALA A 153 17.01 18.02 21.97
C ALA A 153 16.53 16.91 22.90
N LEU A 154 15.66 16.04 22.40
CA LEU A 154 15.26 14.87 23.19
C LEU A 154 16.44 13.92 23.40
N LEU A 155 17.37 13.87 22.44
CA LEU A 155 18.51 12.96 22.49
C LEU A 155 19.72 13.56 23.21
N ALA A 156 19.62 14.79 23.70
CA ALA A 156 20.68 15.41 24.48
C ALA A 156 20.42 15.31 25.98
N VAL A 157 19.28 14.75 26.36
CA VAL A 157 18.89 14.62 27.76
C VAL A 157 19.73 13.49 28.37
N PRO A 158 20.13 13.58 29.63
CA PRO A 158 20.82 12.45 30.26
C PRO A 158 19.92 11.23 30.41
N ASP A 159 20.22 10.16 29.66
CA ASP A 159 19.44 8.94 29.70
C ASP A 159 20.20 7.96 30.59
N MET A 160 19.73 7.81 31.82
CA MET A 160 20.39 6.98 32.83
C MET A 160 19.46 5.91 33.39
N SER A 161 18.22 5.84 32.93
CA SER A 161 17.23 4.88 33.38
C SER A 161 17.01 3.83 32.30
N SER A 162 16.21 2.82 32.63
CA SER A 162 15.82 1.85 31.62
C SER A 162 14.77 2.45 30.69
N LEU A 163 13.85 3.23 31.24
CA LEU A 163 12.90 3.96 30.40
C LEU A 163 13.64 4.87 29.42
N ALA A 164 14.70 5.53 29.90
CA ALA A 164 15.51 6.35 29.03
C ALA A 164 16.16 5.50 27.93
N GLY A 165 16.57 4.28 28.27
CA GLY A 165 17.12 3.40 27.25
C GLY A 165 16.13 3.05 26.17
N GLY A 166 14.90 2.70 26.56
CA GLY A 166 13.88 2.40 25.57
C GLY A 166 13.55 3.60 24.70
N TYR A 167 13.45 4.77 25.32
CA TYR A 167 13.21 5.99 24.56
C TYR A 167 14.37 6.28 23.61
N LEU A 168 15.60 6.00 24.05
CA LEU A 168 16.75 6.17 23.18
C LEU A 168 16.66 5.23 21.97
N ARG A 169 16.20 4.01 22.20
CA ARG A 169 16.00 3.08 21.08
C ARG A 169 15.00 3.65 20.09
N ASN A 170 13.88 4.16 20.62
CA ASN A 170 12.86 4.74 19.77
C ASN A 170 13.40 5.90 18.95
N LEU A 171 14.15 6.79 19.61
CA LEU A 171 14.70 7.97 18.96
C LEU A 171 15.73 7.59 17.91
N THR A 172 16.61 6.63 18.22
CA THR A 172 17.61 6.20 17.26
C THR A 172 16.97 5.56 16.05
N TRP A 173 15.92 4.78 16.25
CA TRP A 173 15.21 4.19 15.13
C TRP A 173 14.61 5.27 14.23
N THR A 174 13.99 6.29 14.83
CA THR A 174 13.44 7.39 14.03
C THR A 174 14.54 8.12 13.27
N LEU A 175 15.67 8.37 13.92
CA LEU A 175 16.77 9.06 13.26
C LEU A 175 17.30 8.25 12.09
N SER A 176 17.43 6.93 12.27
CA SER A 176 17.91 6.07 11.19
C SER A 176 16.95 6.09 10.02
N ASN A 177 15.63 6.11 10.30
CA ASN A 177 14.68 6.25 9.20
C ASN A 177 14.84 7.62 8.52
N LEU A 178 15.27 8.63 9.26
CA LEU A 178 15.56 9.91 8.62
C LEU A 178 16.83 9.87 7.79
N CYS A 179 17.71 8.88 8.03
CA CYS A 179 18.90 8.71 7.20
C CYS A 179 18.71 7.75 6.03
N ARG A 180 17.50 7.23 5.82
CA ARG A 180 17.27 6.09 4.96
C ARG A 180 16.76 6.50 3.58
N ASN A 181 16.84 5.55 2.65
CA ASN A 181 16.29 5.68 1.30
C ASN A 181 17.10 6.64 0.44
N LYS A 182 16.85 6.57 -0.88
CA LYS A 182 17.63 7.29 -1.87
C LYS A 182 16.68 7.80 -2.94
N ASN A 183 17.25 8.44 -3.97
CA ASN A 183 16.52 8.98 -5.11
C ASN A 183 15.26 9.70 -4.62
N PRO A 184 15.40 10.83 -3.93
CA PRO A 184 16.64 11.54 -3.60
C PRO A 184 17.26 11.06 -2.29
N ALA A 185 18.53 11.35 -2.09
CA ALA A 185 19.17 11.06 -0.82
C ALA A 185 18.89 12.20 0.15
N PRO A 186 19.03 11.95 1.45
CA PRO A 186 18.73 13.00 2.44
C PRO A 186 19.51 14.26 2.15
N PRO A 187 18.92 15.43 2.38
CA PRO A 187 19.67 16.68 2.14
C PRO A 187 20.95 16.71 2.94
N LEU A 188 22.01 17.22 2.30
CA LEU A 188 23.33 17.18 2.91
C LEU A 188 23.36 17.96 4.23
N ASP A 189 22.66 19.10 4.28
CA ASP A 189 22.61 19.87 5.52
C ASP A 189 22.05 19.02 6.66
N ALA A 190 20.99 18.27 6.39
CA ALA A 190 20.41 17.40 7.41
C ALA A 190 21.37 16.29 7.82
N VAL A 191 22.06 15.69 6.85
CA VAL A 191 22.98 14.59 7.18
C VAL A 191 24.10 15.10 8.08
N GLU A 192 24.64 16.28 7.77
CA GLU A 192 25.67 16.86 8.63
C GLU A 192 25.12 17.28 9.97
N GLN A 193 23.84 17.66 10.03
CA GLN A 193 23.23 17.99 11.32
C GLN A 193 23.04 16.74 12.16
N ILE A 194 22.87 15.59 11.52
CA ILE A 194 22.61 14.34 12.24
C ILE A 194 23.89 13.62 12.64
N LEU A 195 24.94 13.71 11.83
CA LEU A 195 26.08 12.82 11.99
C LEU A 195 26.70 12.86 13.38
N PRO A 196 26.95 14.03 13.99
CA PRO A 196 27.57 14.02 15.32
C PRO A 196 26.80 13.18 16.33
N THR A 197 25.47 13.24 16.29
CA THR A 197 24.67 12.44 17.21
C THR A 197 24.86 10.95 16.95
N LEU A 198 24.96 10.54 15.68
CA LEU A 198 25.20 9.14 15.38
C LEU A 198 26.56 8.70 15.91
N VAL A 199 27.58 9.55 15.74
CA VAL A 199 28.90 9.23 16.29
C VAL A 199 28.83 9.06 17.80
N ARG A 200 28.11 9.95 18.49
CA ARG A 200 27.97 9.82 19.93
CA ARG A 200 27.98 9.82 19.94
C ARG A 200 27.25 8.53 20.30
N LEU A 201 26.15 8.24 19.60
CA LEU A 201 25.34 7.07 19.92
C LEU A 201 26.14 5.79 19.74
N LEU A 202 27.07 5.78 18.78
CA LEU A 202 27.86 4.58 18.54
C LEU A 202 28.64 4.15 19.77
N HIS A 203 28.80 5.02 20.76
CA HIS A 203 29.54 4.71 21.98
C HIS A 203 28.64 4.28 23.13
N HIS A 204 27.40 3.88 22.86
CA HIS A 204 26.52 3.34 23.89
C HIS A 204 26.72 1.83 23.99
N ASN A 205 26.24 1.26 25.11
CA ASN A 205 26.32 -0.17 25.33
C ASN A 205 25.03 -0.90 24.95
N ASP A 206 23.95 -0.18 24.66
CA ASP A 206 22.70 -0.84 24.30
C ASP A 206 22.81 -1.45 22.92
N LEU A 207 22.51 -2.75 22.82
CA LEU A 207 22.66 -3.45 21.54
C LEU A 207 21.71 -2.90 20.48
N GLU A 208 20.46 -2.62 20.86
CA GLU A 208 19.51 -2.07 19.88
C GLU A 208 19.96 -0.70 19.39
N VAL A 209 20.42 0.16 20.29
CA VAL A 209 20.90 1.48 19.88
C VAL A 209 22.07 1.34 18.92
N LEU A 210 23.03 0.49 19.26
CA LEU A 210 24.19 0.28 18.40
C LEU A 210 23.78 -0.26 17.03
N ALA A 211 22.85 -1.21 17.01
CA ALA A 211 22.40 -1.78 15.75
C ALA A 211 21.72 -0.74 14.87
N ASP A 212 20.80 0.03 15.46
CA ASP A 212 20.09 1.05 14.70
C ASP A 212 21.06 2.12 14.19
N THR A 213 22.05 2.47 15.02
CA THR A 213 23.02 3.48 14.62
C THR A 213 23.88 2.99 13.47
N CYS A 214 24.33 1.73 13.54
CA CYS A 214 25.10 1.16 12.43
C CYS A 214 24.26 1.10 11.16
N TRP A 215 22.96 0.82 11.29
CA TRP A 215 22.09 0.83 10.11
C TRP A 215 21.99 2.22 9.52
N ALA A 216 21.89 3.24 10.36
CA ALA A 216 21.89 4.61 9.85
C ALA A 216 23.19 4.93 9.12
N ILE A 217 24.31 4.53 9.72
CA ILE A 217 25.62 4.74 9.08
C ILE A 217 25.66 4.05 7.72
N SER A 218 25.13 2.83 7.65
CA SER A 218 25.16 2.07 6.41
C SER A 218 24.28 2.72 5.35
N TYR A 219 23.15 3.29 5.75
CA TYR A 219 22.36 4.07 4.80
C TYR A 219 23.17 5.25 4.27
N LEU A 220 23.80 5.99 5.17
CA LEU A 220 24.49 7.21 4.74
C LEU A 220 25.69 6.90 3.87
N THR A 221 26.27 5.72 4.01
CA THR A 221 27.44 5.34 3.22
C THR A 221 27.09 4.71 1.88
N ASP A 222 25.82 4.40 1.64
CA ASP A 222 25.39 3.73 0.41
C ASP A 222 25.10 4.78 -0.66
N GLY A 223 26.12 5.11 -1.45
CA GLY A 223 25.97 6.10 -2.49
C GLY A 223 27.30 6.52 -3.09
N PRO A 224 27.33 7.69 -3.72
CA PRO A 224 28.59 8.18 -4.30
C PRO A 224 29.62 8.45 -3.21
N ASN A 225 30.87 8.61 -3.64
CA ASN A 225 31.98 8.74 -2.70
C ASN A 225 31.88 10.01 -1.86
N GLU A 226 31.05 10.97 -2.26
CA GLU A 226 30.86 12.17 -1.45
C GLU A 226 30.21 11.86 -0.11
N ARG A 227 29.18 11.01 -0.11
CA ARG A 227 28.53 10.63 1.14
C ARG A 227 29.46 9.78 2.01
N ILE A 228 30.21 8.88 1.39
CA ILE A 228 31.22 8.11 2.12
C ILE A 228 32.21 9.06 2.78
N GLU A 229 32.61 10.12 2.08
CA GLU A 229 33.55 11.07 2.68
C GLU A 229 32.91 11.77 3.88
N MET A 230 31.64 12.17 3.76
CA MET A 230 30.98 12.76 4.93
C MET A 230 31.08 11.83 6.13
N VAL A 231 30.70 10.57 5.95
CA VAL A 231 30.70 9.65 7.10
C VAL A 231 32.12 9.45 7.62
N VAL A 232 33.08 9.30 6.72
CA VAL A 232 34.44 8.95 7.12
C VAL A 232 35.13 10.09 7.84
N LYS A 233 34.83 11.34 7.48
CA LYS A 233 35.52 12.46 8.11
C LYS A 233 35.18 12.59 9.60
N THR A 234 34.03 12.07 10.03
CA THR A 234 33.67 12.17 11.44
C THR A 234 34.61 11.36 12.32
N GLY A 235 35.23 10.31 11.77
CA GLY A 235 36.14 9.48 12.53
C GLY A 235 35.53 8.25 13.16
N VAL A 236 34.40 7.77 12.63
CA VAL A 236 33.72 6.64 13.26
C VAL A 236 34.31 5.29 12.84
N VAL A 237 35.08 5.27 11.73
CA VAL A 237 35.47 3.98 11.13
C VAL A 237 36.14 3.09 12.13
N PRO A 238 37.07 3.55 12.98
CA PRO A 238 37.64 2.65 13.97
C PRO A 238 36.59 2.02 14.87
N HIS A 239 35.63 2.80 15.36
CA HIS A 239 34.60 2.21 16.21
C HIS A 239 33.67 1.31 15.40
N LEU A 240 33.42 1.64 14.13
CA LEU A 240 32.68 0.71 13.28
C LEU A 240 33.38 -0.63 13.20
N VAL A 241 34.72 -0.63 13.09
CA VAL A 241 35.44 -1.88 13.02
C VAL A 241 35.36 -2.63 14.35
N LYS A 242 35.49 -1.90 15.46
CA LYS A 242 35.32 -2.52 16.77
C LYS A 242 33.99 -3.23 16.85
N LEU A 243 32.92 -2.58 16.37
CA LEU A 243 31.60 -3.22 16.37
C LEU A 243 31.53 -4.37 15.37
N LEU A 244 32.30 -4.27 14.27
CA LEU A 244 32.41 -5.38 13.33
C LEU A 244 32.94 -6.63 14.02
N GLY A 245 33.79 -6.46 15.01
CA GLY A 245 34.27 -7.60 15.77
C GLY A 245 33.32 -8.11 16.83
N SER A 246 32.08 -7.62 16.85
CA SER A 246 31.11 -8.00 17.85
C SER A 246 30.65 -9.44 17.66
N ASN A 247 30.31 -10.09 18.78
CA ASN A 247 29.67 -11.40 18.74
C ASN A 247 28.18 -11.32 18.51
N GLU A 248 27.63 -10.12 18.37
CA GLU A 248 26.21 -9.93 18.11
C GLU A 248 25.99 -9.75 16.61
N LEU A 249 25.22 -10.66 16.03
CA LEU A 249 24.92 -10.58 14.61
C LEU A 249 24.12 -9.30 14.31
N SER A 250 23.24 -8.90 15.23
CA SER A 250 22.45 -7.69 15.04
C SER A 250 23.31 -6.44 14.94
N ILE A 251 24.52 -6.47 15.51
CA ILE A 251 25.44 -5.34 15.43
C ILE A 251 26.45 -5.52 14.31
N MET A 252 26.93 -6.77 14.12
CA MET A 252 27.93 -7.01 13.09
C MET A 252 27.37 -6.80 11.69
N THR A 253 26.13 -7.27 11.45
CA THR A 253 25.54 -7.18 10.11
C THR A 253 25.53 -5.75 9.60
N PRO A 254 24.91 -4.79 10.29
CA PRO A 254 24.92 -3.40 9.76
C PRO A 254 26.31 -2.81 9.70
N ALA A 255 27.17 -3.15 10.66
CA ALA A 255 28.54 -2.66 10.64
C ALA A 255 29.28 -3.18 9.40
N LEU A 256 29.08 -4.45 9.07
CA LEU A 256 29.69 -4.98 7.85
C LEU A 256 29.14 -4.29 6.62
N ARG A 257 27.84 -4.01 6.59
CA ARG A 257 27.30 -3.29 5.44
C ARG A 257 27.94 -1.91 5.31
N ALA A 258 28.13 -1.21 6.43
CA ALA A 258 28.75 0.12 6.36
C ALA A 258 30.20 0.03 5.89
N ILE A 259 30.96 -0.92 6.42
CA ILE A 259 32.36 -1.07 6.02
C ILE A 259 32.44 -1.42 4.54
N GLY A 260 31.56 -2.32 4.08
CA GLY A 260 31.52 -2.64 2.66
C GLY A 260 31.24 -1.43 1.80
N ASN A 261 30.25 -0.62 2.20
CA ASN A 261 29.95 0.59 1.43
C ASN A 261 31.16 1.51 1.40
N ILE A 262 31.88 1.62 2.51
CA ILE A 262 33.00 2.56 2.56
C ILE A 262 34.14 2.10 1.66
N VAL A 263 34.39 0.79 1.58
CA VAL A 263 35.49 0.32 0.75
C VAL A 263 35.13 0.28 -0.73
N THR A 264 33.90 0.58 -1.11
CA THR A 264 33.56 0.78 -2.51
C THR A 264 34.00 2.15 -3.02
N GLY A 265 34.56 2.98 -2.16
CA GLY A 265 34.96 4.34 -2.52
C GLY A 265 36.38 4.43 -3.00
N THR A 266 37.02 5.55 -2.69
CA THR A 266 38.36 5.82 -3.18
C THR A 266 39.39 4.96 -2.44
N ASP A 267 40.64 5.06 -2.92
CA ASP A 267 41.73 4.33 -2.28
C ASP A 267 41.99 4.87 -0.87
N GLU A 268 41.83 6.19 -0.67
CA GLU A 268 42.08 6.75 0.64
C GLU A 268 41.02 6.34 1.65
N GLN A 269 39.76 6.25 1.23
CA GLN A 269 38.71 5.80 2.13
C GLN A 269 38.89 4.33 2.48
N THR A 270 39.22 3.51 1.48
CA THR A 270 39.54 2.12 1.74
C THR A 270 40.71 2.01 2.70
N GLN A 271 41.68 2.91 2.58
CA GLN A 271 42.83 2.90 3.47
C GLN A 271 42.43 3.31 4.89
N ILE A 272 41.47 4.22 5.02
CA ILE A 272 40.90 4.50 6.34
C ILE A 272 40.35 3.22 6.95
N VAL A 273 39.62 2.44 6.15
CA VAL A 273 39.07 1.19 6.67
C VAL A 273 40.18 0.22 7.05
N ILE A 274 41.20 0.09 6.22
CA ILE A 274 42.25 -0.89 6.48
C ILE A 274 43.07 -0.50 7.71
N ASP A 275 43.37 0.78 7.86
CA ASP A 275 44.12 1.24 9.04
C ASP A 275 43.30 1.03 10.31
N ALA A 276 41.97 1.05 10.21
CA ALA A 276 41.13 0.75 11.37
C ALA A 276 41.17 -0.72 11.76
N GLY A 277 41.78 -1.57 10.95
CA GLY A 277 41.95 -2.97 11.31
C GLY A 277 40.85 -3.90 10.87
N ALA A 278 40.06 -3.54 9.87
CA ALA A 278 38.89 -4.34 9.51
C ALA A 278 39.31 -5.73 9.03
N LEU A 279 40.43 -5.82 8.30
CA LEU A 279 40.82 -7.10 7.72
C LEU A 279 41.01 -8.17 8.78
N ALA A 280 41.44 -7.77 9.99
CA ALA A 280 41.68 -8.73 11.06
C ALA A 280 40.41 -9.43 11.51
N VAL A 281 39.24 -8.89 11.14
CA VAL A 281 37.97 -9.54 11.47
C VAL A 281 37.48 -10.45 10.33
N PHE A 282 38.03 -10.30 9.12
CA PHE A 282 37.43 -10.97 7.98
C PHE A 282 37.67 -12.46 7.91
N PRO A 283 38.71 -13.03 8.54
CA PRO A 283 38.80 -14.49 8.58
C PRO A 283 37.49 -15.05 9.10
N SER A 284 37.14 -14.63 10.32
CA SER A 284 35.91 -15.09 10.94
C SER A 284 34.70 -14.81 10.06
N LEU A 285 34.71 -13.69 9.36
CA LEU A 285 33.57 -13.34 8.52
C LEU A 285 33.53 -14.17 7.25
N LEU A 286 34.68 -14.55 6.70
CA LEU A 286 34.68 -15.27 5.42
C LEU A 286 34.27 -16.73 5.57
N VAL A 287 34.27 -17.26 6.79
CA VAL A 287 33.82 -18.62 7.06
C VAL A 287 32.57 -18.62 7.94
N HIS A 288 31.87 -17.49 8.02
CA HIS A 288 30.77 -17.37 8.96
C HIS A 288 29.63 -18.32 8.56
N PRO A 289 28.95 -18.92 9.54
CA PRO A 289 27.86 -19.85 9.18
C PRO A 289 26.79 -19.22 8.31
N LYS A 290 26.46 -17.95 8.57
CA LYS A 290 25.43 -17.26 7.81
C LYS A 290 25.95 -16.97 6.41
N THR A 291 25.28 -17.53 5.40
CA THR A 291 25.76 -17.34 4.03
C THR A 291 25.68 -15.88 3.58
N ASN A 292 24.71 -15.13 4.08
CA ASN A 292 24.63 -13.71 3.74
C ASN A 292 25.85 -12.96 4.25
N ILE A 293 26.28 -13.25 5.49
CA ILE A 293 27.47 -12.61 6.03
C ILE A 293 28.70 -12.99 5.19
N GLN A 294 28.79 -14.27 4.82
CA GLN A 294 29.90 -14.72 3.99
C GLN A 294 29.94 -13.98 2.66
N LYS A 295 28.79 -13.88 1.99
CA LYS A 295 28.77 -13.20 0.69
C LYS A 295 29.10 -11.72 0.84
N GLU A 296 28.59 -11.08 1.88
N GLU A 296 28.59 -11.08 1.88
CA GLU A 296 28.89 -9.67 2.11
CA GLU A 296 28.89 -9.67 2.11
C GLU A 296 30.38 -9.47 2.34
C GLU A 296 30.38 -9.46 2.35
N ALA A 297 30.99 -10.31 3.17
CA ALA A 297 32.42 -10.18 3.45
C ALA A 297 33.25 -10.44 2.20
N THR A 298 32.86 -11.42 1.39
CA THR A 298 33.61 -11.70 0.16
C THR A 298 33.47 -10.56 -0.84
N TRP A 299 32.29 -9.94 -0.93
CA TRP A 299 32.11 -8.76 -1.77
C TRP A 299 33.00 -7.61 -1.29
N THR A 300 33.02 -7.37 0.02
CA THR A 300 33.91 -6.36 0.58
C THR A 300 35.36 -6.67 0.24
N MET A 301 35.76 -7.93 0.38
CA MET A 301 37.13 -8.31 0.04
C MET A 301 37.43 -8.04 -1.44
N SER A 302 36.45 -8.29 -2.31
CA SER A 302 36.68 -8.04 -3.73
C SER A 302 36.87 -6.56 -4.00
N ASN A 303 36.12 -5.70 -3.30
CA ASN A 303 36.34 -4.27 -3.46
C ASN A 303 37.68 -3.85 -2.85
N ILE A 304 38.18 -4.58 -1.85
CA ILE A 304 39.49 -4.23 -1.30
C ILE A 304 40.61 -4.68 -2.24
N THR A 305 40.48 -5.86 -2.85
CA THR A 305 41.49 -6.33 -3.80
C THR A 305 41.46 -5.55 -5.11
N ALA A 306 40.43 -4.75 -5.32
CA ALA A 306 40.39 -3.81 -6.45
C ALA A 306 41.13 -2.52 -6.14
N GLY A 307 41.84 -2.46 -5.01
CA GLY A 307 42.54 -1.26 -4.58
C GLY A 307 44.00 -1.27 -4.93
N ARG A 308 44.75 -0.40 -4.26
CA ARG A 308 46.17 -0.26 -4.51
C ARG A 308 46.93 -1.53 -4.11
N GLN A 309 48.19 -1.59 -4.52
CA GLN A 309 48.99 -2.80 -4.28
C GLN A 309 49.34 -2.96 -2.80
N ASP A 310 49.48 -1.85 -2.08
CA ASP A 310 49.69 -1.93 -0.64
C ASP A 310 48.46 -2.53 0.06
N GLN A 311 47.27 -2.26 -0.48
CA GLN A 311 46.05 -2.82 0.11
C GLN A 311 45.93 -4.31 -0.15
N ILE A 312 46.29 -4.73 -1.37
CA ILE A 312 46.39 -6.16 -1.66
C ILE A 312 47.43 -6.81 -0.75
N GLN A 313 48.53 -6.10 -0.50
CA GLN A 313 49.56 -6.61 0.40
C GLN A 313 49.02 -6.78 1.80
N GLN A 314 48.13 -5.88 2.22
CA GLN A 314 47.50 -6.03 3.53
C GLN A 314 46.54 -7.22 3.55
N VAL A 315 45.86 -7.47 2.43
CA VAL A 315 45.06 -8.69 2.33
C VAL A 315 45.95 -9.91 2.51
N VAL A 316 47.15 -9.87 1.93
CA VAL A 316 48.09 -10.97 2.07
C VAL A 316 48.58 -11.10 3.51
N ASN A 317 48.91 -9.96 4.15
CA ASN A 317 49.50 -10.02 5.50
C ASN A 317 48.54 -10.63 6.50
N HIS A 318 47.25 -10.42 6.32
CA HIS A 318 46.25 -10.94 7.24
C HIS A 318 45.88 -12.38 6.96
N GLY A 319 46.60 -13.05 6.05
CA GLY A 319 46.38 -14.47 5.80
C GLY A 319 45.04 -14.77 5.19
N LEU A 320 44.47 -13.84 4.43
CA LEU A 320 43.13 -13.98 3.89
C LEU A 320 43.07 -14.71 2.55
N VAL A 321 44.20 -14.90 1.88
CA VAL A 321 44.20 -15.46 0.53
C VAL A 321 43.84 -16.94 0.56
N PRO A 322 44.46 -17.77 1.41
CA PRO A 322 44.01 -19.17 1.50
C PRO A 322 42.56 -19.29 1.92
N ILE A 323 42.08 -18.38 2.76
CA ILE A 323 40.67 -18.39 3.14
C ILE A 323 39.79 -18.14 1.92
N LEU A 324 40.18 -17.17 1.08
CA LEU A 324 39.42 -16.89 -0.13
C LEU A 324 39.46 -18.08 -1.08
N VAL A 325 40.59 -18.79 -1.12
CA VAL A 325 40.66 -20.01 -1.93
C VAL A 325 39.64 -21.02 -1.43
N SER A 326 39.57 -21.20 -0.12
CA SER A 326 38.59 -22.11 0.46
C SER A 326 37.17 -21.71 0.07
N VAL A 327 36.88 -20.41 0.14
CA VAL A 327 35.53 -19.92 -0.19
C VAL A 327 35.22 -20.18 -1.66
N LEU A 328 36.14 -19.79 -2.55
CA LEU A 328 35.95 -20.04 -3.97
C LEU A 328 35.72 -21.52 -4.23
N SER A 329 36.31 -22.39 -3.42
CA SER A 329 36.20 -23.82 -3.67
C SER A 329 34.89 -24.40 -3.18
N LYS A 330 34.50 -24.10 -1.94
CA LYS A 330 33.47 -24.88 -1.27
C LYS A 330 32.26 -24.08 -0.82
N ALA A 331 32.18 -22.79 -1.13
CA ALA A 331 31.06 -21.96 -0.70
C ALA A 331 29.91 -22.03 -1.70
N ASP A 332 28.79 -21.41 -1.33
CA ASP A 332 27.63 -21.34 -2.20
C ASP A 332 27.94 -20.44 -3.40
N PHE A 333 27.14 -20.59 -4.46
CA PHE A 333 27.49 -20.00 -5.75
C PHE A 333 27.52 -18.47 -5.69
N LYS A 334 26.65 -17.84 -4.89
CA LYS A 334 26.70 -16.38 -4.79
C LYS A 334 28.01 -15.92 -4.16
N THR A 335 28.43 -16.60 -3.09
CA THR A 335 29.71 -16.28 -2.48
C THR A 335 30.85 -16.64 -3.41
N GLN A 336 30.70 -17.71 -4.20
CA GLN A 336 31.73 -18.07 -5.16
C GLN A 336 31.86 -17.00 -6.25
N LYS A 337 30.74 -16.40 -6.65
CA LYS A 337 30.80 -15.30 -7.62
C LYS A 337 31.56 -14.11 -7.04
N GLU A 338 31.25 -13.74 -5.80
CA GLU A 338 32.00 -12.66 -5.19
C GLU A 338 33.48 -13.01 -5.06
N ALA A 339 33.79 -14.28 -4.78
CA ALA A 339 35.18 -14.71 -4.70
C ALA A 339 35.86 -14.61 -6.07
N VAL A 340 35.12 -14.92 -7.14
CA VAL A 340 35.65 -14.76 -8.49
C VAL A 340 36.03 -13.32 -8.74
N TRP A 341 35.15 -12.39 -8.34
CA TRP A 341 35.47 -10.97 -8.51
C TRP A 341 36.69 -10.59 -7.68
N ALA A 342 36.78 -11.10 -6.46
CA ALA A 342 37.94 -10.82 -5.62
C ALA A 342 39.23 -11.28 -6.30
N VAL A 343 39.22 -12.50 -6.84
CA VAL A 343 40.41 -13.05 -7.47
C VAL A 343 40.80 -12.23 -8.70
N THR A 344 39.82 -11.88 -9.53
CA THR A 344 40.17 -11.16 -10.75
C THR A 344 40.68 -9.76 -10.45
N ASN A 345 40.08 -9.07 -9.47
CA ASN A 345 40.61 -7.76 -9.08
C ASN A 345 42.02 -7.89 -8.53
N TYR A 346 42.24 -8.90 -7.68
CA TYR A 346 43.58 -9.19 -7.17
C TYR A 346 44.59 -9.32 -8.30
N THR A 347 44.30 -10.20 -9.26
CA THR A 347 45.26 -10.45 -10.33
C THR A 347 45.36 -9.29 -11.30
N SER A 348 44.38 -8.39 -11.31
CA SER A 348 44.46 -7.20 -12.15
C SER A 348 45.37 -6.14 -11.53
N GLY A 349 45.30 -5.97 -10.22
CA GLY A 349 46.08 -4.92 -9.57
C GLY A 349 47.30 -5.40 -8.81
N GLY A 350 47.48 -6.72 -8.70
CA GLY A 350 48.55 -7.23 -7.87
C GLY A 350 49.89 -7.27 -8.57
N THR A 351 50.95 -7.36 -7.77
CA THR A 351 52.28 -7.55 -8.30
C THR A 351 52.45 -8.99 -8.79
N VAL A 352 53.55 -9.23 -9.48
CA VAL A 352 53.85 -10.57 -9.95
C VAL A 352 54.03 -11.52 -8.76
N GLU A 353 54.69 -11.05 -7.70
CA GLU A 353 54.89 -11.89 -6.52
C GLU A 353 53.56 -12.19 -5.83
N GLN A 354 52.66 -11.21 -5.77
CA GLN A 354 51.36 -11.44 -5.17
C GLN A 354 50.55 -12.46 -5.97
N ILE A 355 50.63 -12.38 -7.30
CA ILE A 355 49.90 -13.32 -8.14
C ILE A 355 50.53 -14.71 -8.04
N VAL A 356 51.85 -14.78 -7.93
CA VAL A 356 52.52 -16.07 -7.72
C VAL A 356 52.07 -16.68 -6.41
N TYR A 357 52.01 -15.87 -5.35
CA TYR A 357 51.51 -16.34 -4.07
C TYR A 357 50.09 -16.88 -4.20
N LEU A 358 49.24 -16.14 -4.91
CA LEU A 358 47.87 -16.62 -5.14
C LEU A 358 47.88 -17.98 -5.81
N VAL A 359 48.76 -18.17 -6.79
CA VAL A 359 48.85 -19.45 -7.47
C VAL A 359 49.31 -20.54 -6.52
N HIS A 360 50.26 -20.23 -5.64
CA HIS A 360 50.77 -21.22 -4.71
C HIS A 360 49.74 -21.63 -3.65
N CYS A 361 48.77 -20.76 -3.36
CA CYS A 361 47.71 -21.12 -2.43
C CYS A 361 46.67 -22.04 -3.04
N GLY A 362 46.73 -22.28 -4.35
CA GLY A 362 45.85 -23.24 -4.98
C GLY A 362 44.58 -22.65 -5.56
N ILE A 363 44.71 -21.49 -6.22
CA ILE A 363 43.55 -20.83 -6.79
C ILE A 363 43.11 -21.50 -8.09
N ILE A 364 44.04 -22.11 -8.81
CA ILE A 364 43.80 -22.53 -10.19
C ILE A 364 42.60 -23.47 -10.25
N GLU A 365 42.64 -24.56 -9.49
CA GLU A 365 41.58 -25.57 -9.64
C GLU A 365 40.20 -25.04 -9.29
N PRO A 366 39.97 -24.38 -8.16
CA PRO A 366 38.62 -23.87 -7.89
C PRO A 366 38.18 -22.80 -8.88
N LEU A 367 39.08 -21.85 -9.19
CA LEU A 367 38.77 -20.83 -10.18
C LEU A 367 38.35 -21.47 -11.50
N MET A 368 39.05 -22.52 -11.91
CA MET A 368 38.76 -23.16 -13.18
C MET A 368 37.48 -23.99 -13.11
N ASN A 369 37.25 -24.67 -11.99
CA ASN A 369 36.02 -25.45 -11.87
C ASN A 369 34.80 -24.56 -11.95
N LEU A 370 34.95 -23.28 -11.56
CA LEU A 370 33.82 -22.38 -11.73
C LEU A 370 33.53 -22.03 -13.18
N LEU A 371 34.38 -22.44 -14.13
CA LEU A 371 34.10 -22.18 -15.53
C LEU A 371 32.94 -23.02 -16.06
N THR A 372 32.43 -23.97 -15.27
CA THR A 372 31.24 -24.72 -15.65
C THR A 372 29.97 -24.00 -15.27
N ALA A 373 30.07 -22.83 -14.66
CA ALA A 373 28.89 -22.08 -14.25
C ALA A 373 28.11 -21.62 -15.49
N LYS A 374 26.84 -21.30 -15.27
CA LYS A 374 25.98 -20.83 -16.34
C LYS A 374 25.95 -19.31 -16.47
N ASP A 375 26.73 -18.60 -15.67
CA ASP A 375 26.80 -17.14 -15.74
C ASP A 375 27.92 -16.78 -16.70
N THR A 376 27.55 -16.22 -17.86
CA THR A 376 28.53 -15.87 -18.88
C THR A 376 29.49 -14.79 -18.39
N LYS A 377 28.95 -13.79 -17.69
CA LYS A 377 29.81 -12.72 -17.15
C LYS A 377 30.86 -13.30 -16.22
N ILE A 378 30.47 -14.27 -15.39
CA ILE A 378 31.43 -14.89 -14.47
C ILE A 378 32.51 -15.63 -15.25
N ILE A 379 32.12 -16.33 -16.31
CA ILE A 379 33.10 -17.05 -17.12
C ILE A 379 34.09 -16.08 -17.75
N LEU A 380 33.60 -14.94 -18.24
CA LEU A 380 34.52 -13.96 -18.82
C LEU A 380 35.46 -13.38 -17.76
N VAL A 381 34.94 -13.14 -16.56
CA VAL A 381 35.79 -12.64 -15.48
C VAL A 381 36.86 -13.67 -15.13
N ILE A 382 36.48 -14.95 -15.08
CA ILE A 382 37.45 -16.01 -14.77
C ILE A 382 38.52 -16.08 -15.85
N LEU A 383 38.12 -15.98 -17.12
CA LEU A 383 39.12 -16.03 -18.20
C LEU A 383 40.05 -14.82 -18.13
N ASP A 384 39.51 -13.65 -17.76
CA ASP A 384 40.36 -12.48 -17.58
C ASP A 384 41.36 -12.69 -16.45
N ALA A 385 40.93 -13.31 -15.35
CA ALA A 385 41.85 -13.61 -14.26
C ALA A 385 42.95 -14.57 -14.73
N ILE A 386 42.56 -15.58 -15.51
CA ILE A 386 43.54 -16.53 -16.03
C ILE A 386 44.55 -15.82 -16.92
N SER A 387 44.09 -14.84 -17.72
CA SER A 387 45.02 -14.10 -18.55
C SER A 387 45.98 -13.26 -17.72
N ASN A 388 45.47 -12.65 -16.64
CA ASN A 388 46.37 -11.89 -15.76
C ASN A 388 47.42 -12.80 -15.15
N ILE A 389 47.01 -13.99 -14.71
CA ILE A 389 47.95 -14.94 -14.13
C ILE A 389 49.00 -15.35 -15.16
N PHE A 390 48.56 -15.59 -16.41
CA PHE A 390 49.52 -15.94 -17.46
C PHE A 390 50.49 -14.80 -17.73
N GLN A 391 50.03 -13.56 -17.67
CA GLN A 391 50.92 -12.43 -17.93
C GLN A 391 51.96 -12.27 -16.81
N ALA A 392 51.55 -12.49 -15.57
CA ALA A 392 52.53 -12.56 -14.48
C ALA A 392 53.55 -13.66 -14.77
N ALA A 393 53.07 -14.84 -15.16
CA ALA A 393 53.97 -15.94 -15.50
C ALA A 393 54.96 -15.54 -16.59
N GLU A 394 54.47 -14.87 -17.64
CA GLU A 394 55.36 -14.39 -18.70
C GLU A 394 56.44 -13.51 -18.11
N LYS A 395 56.06 -12.56 -17.25
CA LYS A 395 57.07 -11.72 -16.62
C LYS A 395 58.08 -12.55 -15.87
N LEU A 396 57.68 -13.70 -15.34
CA LEU A 396 58.62 -14.59 -14.68
C LEU A 396 59.28 -15.61 -15.62
N GLY A 397 58.68 -15.86 -16.79
CA GLY A 397 59.22 -16.87 -17.67
C GLY A 397 58.80 -18.28 -17.32
N GLU A 398 57.69 -18.44 -16.63
CA GLU A 398 57.18 -19.74 -16.20
C GLU A 398 55.82 -20.04 -16.84
N THR A 399 55.58 -19.44 -18.01
CA THR A 399 54.32 -19.66 -18.71
C THR A 399 54.11 -21.14 -18.99
N GLU A 400 55.19 -21.86 -19.30
CA GLU A 400 55.07 -23.29 -19.57
C GLU A 400 54.64 -24.06 -18.33
N LYS A 401 55.24 -23.75 -17.18
CA LYS A 401 54.87 -24.43 -15.95
C LYS A 401 53.40 -24.16 -15.63
N LEU A 402 52.94 -22.93 -15.88
CA LEU A 402 51.54 -22.61 -15.63
C LEU A 402 50.63 -23.36 -16.60
N SER A 403 51.03 -23.49 -17.86
CA SER A 403 50.26 -24.27 -18.81
C SER A 403 50.10 -25.70 -18.31
N ILE A 404 51.21 -26.29 -17.85
CA ILE A 404 51.16 -27.67 -17.37
C ILE A 404 50.28 -27.77 -16.13
N MET A 405 50.36 -26.78 -15.23
CA MET A 405 49.49 -26.77 -14.06
C MET A 405 48.02 -26.77 -14.48
N ILE A 406 47.68 -25.88 -15.41
CA ILE A 406 46.28 -25.74 -15.82
C ILE A 406 45.80 -27.02 -16.49
N GLU A 407 46.67 -27.66 -17.26
CA GLU A 407 46.31 -28.91 -17.90
C GLU A 407 46.10 -30.03 -16.89
N GLU A 408 46.91 -30.07 -15.84
CA GLU A 408 46.88 -31.19 -14.91
C GLU A 408 45.72 -31.09 -13.92
N CYS A 409 45.19 -29.90 -13.65
CA CYS A 409 43.97 -29.78 -12.86
C CYS A 409 42.71 -29.85 -13.71
N GLY A 410 42.84 -30.19 -14.99
CA GLY A 410 41.69 -30.24 -15.87
C GLY A 410 41.22 -28.92 -16.43
N GLY A 411 42.05 -27.88 -16.39
CA GLY A 411 41.62 -26.57 -16.87
C GLY A 411 41.62 -26.43 -18.37
N LEU A 412 42.57 -27.07 -19.04
CA LEU A 412 42.59 -27.04 -20.51
C LEU A 412 41.30 -27.60 -21.08
N ASP A 413 40.74 -28.63 -20.43
CA ASP A 413 39.48 -29.19 -20.88
C ASP A 413 38.36 -28.15 -20.86
N LYS A 414 38.29 -27.37 -19.77
CA LYS A 414 37.22 -26.38 -19.65
C LYS A 414 37.41 -25.24 -20.64
N ILE A 415 38.65 -24.78 -20.84
CA ILE A 415 38.88 -23.71 -21.81
C ILE A 415 38.52 -24.20 -23.22
N GLU A 416 38.94 -25.41 -23.57
CA GLU A 416 38.60 -25.98 -24.87
C GLU A 416 37.09 -26.09 -25.04
N ALA A 417 36.39 -26.56 -24.00
N ALA A 417 36.39 -26.56 -24.00
CA ALA A 417 34.94 -26.64 -24.07
CA ALA A 417 34.94 -26.64 -24.07
C ALA A 417 34.33 -25.26 -24.30
C ALA A 417 34.33 -25.26 -24.30
N LEU A 418 34.90 -24.23 -23.68
CA LEU A 418 34.41 -22.88 -23.90
C LEU A 418 34.60 -22.45 -25.35
N GLN A 419 35.50 -23.09 -26.08
CA GLN A 419 35.56 -22.76 -27.51
C GLN A 419 34.32 -23.21 -28.30
N ASN A 420 33.34 -23.87 -27.66
CA ASN A 420 32.09 -24.25 -28.32
C ASN A 420 30.90 -23.52 -27.72
N HIS A 421 31.15 -22.48 -26.93
CA HIS A 421 30.11 -21.75 -26.23
C HIS A 421 29.29 -20.90 -27.19
N GLU A 422 28.01 -20.72 -26.85
CA GLU A 422 27.13 -19.89 -27.68
C GLU A 422 27.61 -18.45 -27.71
N ASN A 423 28.00 -17.90 -26.56
CA ASN A 423 28.38 -16.50 -26.50
C ASN A 423 29.74 -16.30 -27.17
N GLU A 424 29.80 -15.38 -28.13
CA GLU A 424 31.02 -15.20 -28.90
C GLU A 424 32.14 -14.55 -28.09
N SER A 425 31.80 -13.78 -27.06
CA SER A 425 32.85 -13.23 -26.21
C SER A 425 33.61 -14.35 -25.50
N VAL A 426 32.88 -15.32 -24.96
CA VAL A 426 33.49 -16.48 -24.33
C VAL A 426 34.34 -17.24 -25.34
N TYR A 427 33.80 -17.46 -26.53
CA TYR A 427 34.52 -18.20 -27.56
C TYR A 427 35.83 -17.50 -27.91
N LYS A 428 35.78 -16.19 -28.14
CA LYS A 428 36.98 -15.47 -28.52
C LYS A 428 37.99 -15.44 -27.38
N ALA A 429 37.54 -15.29 -26.14
CA ALA A 429 38.47 -15.28 -25.01
C ALA A 429 39.17 -16.62 -24.84
N SER A 430 38.39 -17.72 -24.85
CA SER A 430 39.00 -19.03 -24.68
C SER A 430 39.90 -19.37 -25.86
N LEU A 431 39.49 -18.99 -27.07
CA LEU A 431 40.33 -19.21 -28.24
C LEU A 431 41.63 -18.43 -28.13
N ASN A 432 41.56 -17.20 -27.64
CA ASN A 432 42.77 -16.40 -27.44
C ASN A 432 43.72 -17.10 -26.49
N LEU A 433 43.20 -17.56 -25.34
CA LEU A 433 44.06 -18.28 -24.40
C LEU A 433 44.66 -19.53 -25.02
N ILE A 434 43.84 -20.30 -25.75
CA ILE A 434 44.32 -21.56 -26.33
C ILE A 434 45.38 -21.28 -27.38
N GLU A 435 45.20 -20.23 -28.18
CA GLU A 435 46.16 -19.92 -29.22
C GLU A 435 47.44 -19.34 -28.64
N LYS A 436 47.35 -18.72 -27.48
CA LYS A 436 48.51 -18.04 -26.92
C LYS A 436 49.37 -18.95 -26.05
N TYR A 437 48.79 -19.93 -25.37
CA TYR A 437 49.56 -20.73 -24.42
C TYR A 437 49.43 -22.23 -24.56
N PHE A 438 48.42 -22.74 -25.26
CA PHE A 438 48.19 -24.18 -25.33
C PHE A 438 48.32 -24.75 -26.74
N SER A 439 48.73 -23.94 -27.72
CA SER A 439 48.95 -24.44 -29.07
C SER A 439 50.43 -24.38 -29.42
N VAL A 440 51.25 -25.13 -28.68
CA VAL A 440 52.70 -25.13 -28.84
C VAL A 440 53.12 -26.24 -29.78
N GLU A 441 54.16 -25.97 -30.59
CA GLU A 441 54.75 -26.98 -31.45
C GLU A 441 56.26 -27.04 -31.19
N GLU A 442 56.75 -28.22 -30.85
CA GLU A 442 58.17 -28.48 -30.62
C GLU A 442 58.68 -29.35 -31.77
N GLU A 443 59.69 -28.89 -32.49
CA GLU A 443 60.43 -29.75 -33.41
C GLU A 443 61.88 -29.82 -32.91
N GLU A 444 62.21 -30.90 -32.20
CA GLU A 444 63.56 -31.13 -31.71
C GLU A 444 64.32 -32.02 -32.68
N ASP A 445 65.57 -31.64 -32.96
CA ASP A 445 66.49 -32.42 -33.80
C ASP A 445 66.22 -33.92 -33.73
N ARG B 9 40.85 -3.04 -11.22
CA ARG B 9 39.81 -2.98 -12.25
C ARG B 9 38.79 -1.89 -11.94
N ARG B 10 37.85 -2.23 -11.07
CA ARG B 10 36.72 -1.38 -10.73
C ARG B 10 36.24 -1.69 -9.33
N LYS B 11 35.81 -0.66 -8.60
CA LYS B 11 35.05 -0.91 -7.38
C LYS B 11 33.62 -1.19 -7.81
N ARG B 12 33.03 -2.22 -7.22
CA ARG B 12 31.65 -2.62 -7.50
C ARG B 12 30.74 -2.14 -6.37
N LYS B 13 29.88 -1.17 -6.68
CA LYS B 13 28.98 -0.64 -5.67
C LYS B 13 27.91 -1.66 -5.30
N ARG B 14 27.27 -1.41 -4.16
CA ARG B 14 26.26 -2.33 -3.64
C ARG B 14 25.05 -2.40 -4.57
N GLU B 15 24.47 -3.58 -4.66
CA GLU B 15 23.26 -3.82 -5.44
C GLU B 15 22.03 -3.82 -4.54
N TRP B 16 20.90 -3.39 -5.10
CA TRP B 16 19.70 -3.24 -4.28
C TRP B 16 19.19 -4.60 -3.81
N ASP B 17 18.98 -4.72 -2.51
CA ASP B 17 18.43 -5.93 -1.89
C ASP B 17 18.12 -5.59 -0.44
N ASP B 18 17.37 -6.47 0.21
CA ASP B 18 17.08 -6.37 1.63
C ASP B 18 17.38 -7.73 2.24
N ASP B 19 18.65 -7.94 2.60
CA ASP B 19 19.03 -9.18 3.27
C ASP B 19 18.49 -9.16 4.69
N ASP B 20 18.81 -8.11 5.44
CA ASP B 20 18.27 -7.89 6.76
C ASP B 20 18.03 -6.41 7.01
N ASP B 21 17.76 -5.63 5.97
CA ASP B 21 17.57 -4.20 6.20
C ASP B 21 16.44 -4.03 7.21
N PRO B 22 16.59 -3.12 8.17
CA PRO B 22 15.64 -3.00 9.29
C PRO B 22 14.21 -2.77 8.84
N PRO B 23 13.26 -2.89 9.77
CA PRO B 23 11.86 -2.62 9.42
C PRO B 23 11.66 -1.13 9.21
N LYS B 24 10.85 -0.79 8.22
CA LYS B 24 10.61 0.61 7.95
C LYS B 24 9.54 1.20 8.87
N LYS B 25 8.58 0.37 9.31
CA LYS B 25 7.48 0.83 10.14
C LYS B 25 7.26 -0.15 11.28
N ARG B 26 6.72 0.36 12.39
CA ARG B 26 6.41 -0.47 13.54
C ARG B 26 5.09 -0.01 14.11
N ARG B 27 4.23 -0.96 14.45
CA ARG B 27 2.95 -0.70 15.08
C ARG B 27 3.09 -0.90 16.58
N ARG B 28 2.49 -0.02 17.37
CA ARG B 28 2.53 -0.15 18.82
C ARG B 28 1.33 -0.95 19.29
N LEU B 29 1.59 -2.01 20.05
CA LEU B 29 0.57 -2.95 20.46
C LEU B 29 0.44 -2.98 21.97
N ASP B 30 -0.75 -3.39 22.43
CA ASP B 30 -1.00 -3.59 23.85
C ASP B 30 -2.18 -4.56 24.02
N TRP C 18 10.93 -26.84 -9.65
CA TRP C 18 11.86 -25.76 -9.92
C TRP C 18 11.98 -24.80 -8.75
N THR C 19 13.16 -24.19 -8.61
CA THR C 19 13.38 -23.11 -7.65
C THR C 19 13.41 -21.77 -8.36
N VAL C 20 13.31 -20.71 -7.57
CA VAL C 20 13.46 -19.37 -8.13
C VAL C 20 14.84 -19.20 -8.76
N ASP C 21 15.86 -19.83 -8.16
CA ASP C 21 17.21 -19.77 -8.72
C ASP C 21 17.27 -20.46 -10.09
N ASP C 22 16.66 -21.64 -10.21
CA ASP C 22 16.62 -22.31 -11.50
C ASP C 22 15.88 -21.47 -12.52
N ILE C 23 14.78 -20.83 -12.11
CA ILE C 23 14.04 -19.95 -13.00
C ILE C 23 14.91 -18.81 -13.48
N VAL C 24 15.70 -18.22 -12.56
CA VAL C 24 16.57 -17.11 -12.93
C VAL C 24 17.64 -17.59 -13.91
N LYS C 25 18.18 -18.79 -13.70
CA LYS C 25 19.20 -19.31 -14.61
C LYS C 25 18.63 -19.58 -16.00
N GLY C 26 17.47 -20.23 -16.07
CA GLY C 26 16.88 -20.50 -17.37
C GLY C 26 16.45 -19.24 -18.09
N ILE C 27 15.92 -18.27 -17.34
CA ILE C 27 15.38 -17.06 -17.95
C ILE C 27 16.49 -16.16 -18.49
N ASN C 28 17.69 -16.22 -17.92
CA ASN C 28 18.81 -15.41 -18.40
C ASN C 28 19.69 -16.14 -19.41
N SER C 29 19.17 -17.20 -20.03
CA SER C 29 19.90 -17.91 -21.07
C SER C 29 19.50 -17.37 -22.43
N ASN C 30 20.40 -17.54 -23.41
CA ASN C 30 20.14 -17.07 -24.76
C ASN C 30 19.21 -18.00 -25.53
N ASN C 31 18.81 -19.12 -24.94
CA ASN C 31 17.93 -20.07 -25.58
C ASN C 31 16.48 -19.75 -25.21
N LEU C 32 15.67 -19.43 -26.22
CA LEU C 32 14.28 -19.06 -25.97
C LEU C 32 13.50 -20.20 -25.35
N GLU C 33 13.85 -21.44 -25.68
CA GLU C 33 13.14 -22.59 -25.10
C GLU C 33 13.36 -22.65 -23.59
N ASN C 34 14.59 -22.36 -23.15
CA ASN C 34 14.86 -22.28 -21.71
C ASN C 34 14.10 -21.14 -21.06
N GLN C 35 14.03 -19.98 -21.72
CA GLN C 35 13.26 -18.87 -21.19
C GLN C 35 11.79 -19.23 -21.05
N LEU C 36 11.25 -19.95 -22.04
CA LEU C 36 9.86 -20.37 -21.97
C LEU C 36 9.65 -21.37 -20.84
N GLN C 37 10.56 -22.33 -20.69
CA GLN C 37 10.43 -23.30 -19.60
C GLN C 37 10.48 -22.61 -18.25
N ALA C 38 11.36 -21.62 -18.09
CA ALA C 38 11.47 -20.92 -16.82
C ALA C 38 10.23 -20.06 -16.55
N THR C 39 9.72 -19.38 -17.58
CA THR C 39 8.50 -18.59 -17.40
C THR C 39 7.32 -19.49 -17.06
N GLN C 40 7.25 -20.67 -17.68
CA GLN C 40 6.20 -21.63 -17.34
C GLN C 40 6.32 -22.07 -15.90
N ALA C 41 7.54 -22.35 -15.43
CA ALA C 41 7.71 -22.76 -14.04
C ALA C 41 7.31 -21.65 -13.08
N ALA C 42 7.69 -20.40 -13.39
CA ALA C 42 7.32 -19.29 -12.53
C ALA C 42 5.81 -19.10 -12.49
N ARG C 43 5.18 -19.14 -13.66
CA ARG C 43 3.74 -19.01 -13.73
C ARG C 43 3.05 -20.13 -12.96
N LYS C 44 3.57 -21.36 -13.05
CA LYS C 44 2.94 -22.45 -12.33
C LYS C 44 3.12 -22.29 -10.83
N LEU C 45 4.26 -21.78 -10.39
CA LEU C 45 4.41 -21.46 -8.98
C LEU C 45 3.35 -20.45 -8.54
N LEU C 46 3.07 -19.45 -9.38
CA LEU C 46 2.11 -18.42 -8.99
C LEU C 46 0.65 -18.87 -9.14
N SER C 47 0.36 -19.76 -10.07
CA SER C 47 -1.02 -20.15 -10.34
C SER C 47 -1.46 -21.39 -9.57
N ARG C 48 -0.55 -22.30 -9.24
CA ARG C 48 -0.90 -23.57 -8.63
C ARG C 48 -0.66 -23.61 -7.13
N GLU C 49 0.27 -22.82 -6.60
CA GLU C 49 0.62 -22.87 -5.19
C GLU C 49 -0.32 -21.94 -4.42
N LYS C 50 -1.01 -22.50 -3.42
CA LYS C 50 -1.69 -21.65 -2.45
C LYS C 50 -0.63 -20.90 -1.63
N GLN C 51 -0.82 -19.60 -1.48
CA GLN C 51 0.19 -18.73 -0.89
C GLN C 51 1.44 -18.74 -1.78
N PRO C 52 1.42 -18.04 -2.91
CA PRO C 52 2.54 -18.11 -3.85
C PRO C 52 3.76 -17.33 -3.39
N PRO C 53 4.94 -17.62 -3.96
CA PRO C 53 6.18 -16.91 -3.60
C PRO C 53 6.39 -15.63 -4.42
N ILE C 54 5.43 -14.71 -4.31
CA ILE C 54 5.49 -13.50 -5.14
C ILE C 54 6.71 -12.65 -4.78
N ASP C 55 6.96 -12.48 -3.48
CA ASP C 55 8.02 -11.56 -3.06
C ASP C 55 9.39 -12.05 -3.49
N HIS C 56 9.62 -13.37 -3.41
CA HIS C 56 10.89 -13.93 -3.87
C HIS C 56 11.04 -13.72 -5.38
N ILE C 57 9.94 -13.83 -6.12
CA ILE C 57 9.99 -13.61 -7.56
C ILE C 57 10.33 -12.16 -7.87
N ILE C 58 9.75 -11.22 -7.12
CA ILE C 58 10.03 -9.81 -7.36
C ILE C 58 11.47 -9.48 -6.98
N ARG C 59 11.95 -10.03 -5.88
CA ARG C 59 13.33 -9.79 -5.46
C ARG C 59 14.34 -10.40 -6.41
N ALA C 60 13.96 -11.42 -7.17
CA ALA C 60 14.84 -12.01 -8.17
C ALA C 60 14.97 -11.15 -9.44
N GLY C 61 14.17 -10.10 -9.56
CA GLY C 61 14.26 -9.22 -10.73
C GLY C 61 13.67 -9.81 -11.98
N LEU C 62 12.64 -10.64 -11.85
CA LEU C 62 12.04 -11.31 -13.00
C LEU C 62 10.94 -10.50 -13.66
N ILE C 63 10.39 -9.49 -12.97
CA ILE C 63 9.31 -8.71 -13.56
C ILE C 63 9.74 -8.01 -14.84
N PRO C 64 10.90 -7.35 -14.90
CA PRO C 64 11.35 -6.79 -16.19
C PRO C 64 11.45 -7.85 -17.27
N LYS C 65 11.86 -9.07 -16.91
CA LYS C 65 11.97 -10.14 -17.90
C LYS C 65 10.61 -10.54 -18.44
N PHE C 66 9.61 -10.67 -17.57
CA PHE C 66 8.26 -10.97 -18.02
C PHE C 66 7.72 -9.84 -18.91
N VAL C 67 7.95 -8.58 -18.51
CA VAL C 67 7.49 -7.45 -19.32
C VAL C 67 8.13 -7.50 -20.68
N SER C 68 9.40 -7.88 -20.75
CA SER C 68 10.08 -8.00 -22.05
C SER C 68 9.48 -9.15 -22.86
N PHE C 69 9.21 -10.28 -22.22
CA PHE C 69 8.63 -11.42 -22.93
C PHE C 69 7.23 -11.11 -23.47
N LEU C 70 6.51 -10.18 -22.84
CA LEU C 70 5.15 -9.91 -23.28
C LEU C 70 5.07 -9.58 -24.77
N GLY C 71 6.13 -9.01 -25.35
CA GLY C 71 6.14 -8.58 -26.73
C GLY C 71 6.73 -9.54 -27.74
N ARG C 72 7.01 -10.78 -27.34
CA ARG C 72 7.74 -11.72 -28.21
C ARG C 72 6.76 -12.47 -29.10
N THR C 73 6.29 -11.78 -30.14
CA THR C 73 5.39 -12.38 -31.10
C THR C 73 6.02 -13.56 -31.83
N ASP C 74 7.34 -13.65 -31.87
CA ASP C 74 7.98 -14.84 -32.44
C ASP C 74 7.68 -16.07 -31.60
N CYS C 75 7.34 -15.88 -30.31
CA CYS C 75 6.96 -16.98 -29.42
C CYS C 75 5.72 -16.54 -28.63
N SER C 76 4.54 -16.89 -29.13
CA SER C 76 3.32 -16.49 -28.44
C SER C 76 3.14 -17.20 -27.10
N PRO C 77 3.54 -18.47 -26.96
CA PRO C 77 3.39 -19.11 -25.65
C PRO C 77 4.09 -18.38 -24.53
N ILE C 78 5.29 -17.86 -24.77
CA ILE C 78 5.97 -17.12 -23.70
C ILE C 78 5.24 -15.82 -23.41
N GLN C 79 4.64 -15.19 -24.43
CA GLN C 79 3.80 -14.02 -24.19
C GLN C 79 2.67 -14.37 -23.22
N PHE C 80 1.92 -15.43 -23.54
CA PHE C 80 0.80 -15.82 -22.70
C PHE C 80 1.25 -16.13 -21.28
N GLU C 81 2.34 -16.90 -21.16
CA GLU C 81 2.81 -17.31 -19.85
C GLU C 81 3.27 -16.10 -19.03
N SER C 82 3.96 -15.15 -19.66
CA SER C 82 4.40 -13.96 -18.96
C SER C 82 3.22 -13.12 -18.51
N ALA C 83 2.21 -12.97 -19.38
CA ALA C 83 1.04 -12.19 -19.01
C ALA C 83 0.31 -12.82 -17.84
N TRP C 84 0.23 -14.16 -17.83
CA TRP C 84 -0.40 -14.86 -16.71
C TRP C 84 0.39 -14.63 -15.42
N ALA C 85 1.71 -14.77 -15.49
CA ALA C 85 2.54 -14.56 -14.31
C ALA C 85 2.38 -13.14 -13.77
N LEU C 86 2.38 -12.14 -14.65
CA LEU C 86 2.20 -10.77 -14.21
C LEU C 86 0.80 -10.53 -13.65
N THR C 87 -0.21 -11.18 -14.23
CA THR C 87 -1.56 -11.09 -13.67
C THR C 87 -1.55 -11.54 -12.21
N ASN C 88 -0.95 -12.70 -11.95
CA ASN C 88 -0.96 -13.22 -10.58
C ASN C 88 -0.06 -12.41 -9.65
N ILE C 89 1.01 -11.81 -10.16
CA ILE C 89 1.82 -10.94 -9.31
C ILE C 89 1.03 -9.69 -8.92
N ALA C 90 0.42 -9.03 -9.91
CA ALA C 90 -0.36 -7.83 -9.67
C ALA C 90 -1.67 -8.10 -8.92
N SER C 91 -1.99 -9.36 -8.65
CA SER C 91 -3.20 -9.71 -7.92
C SER C 91 -3.02 -9.70 -6.41
N GLY C 92 -1.82 -9.44 -5.91
CA GLY C 92 -1.55 -9.44 -4.49
C GLY C 92 -1.62 -8.06 -3.88
N SER C 93 -0.70 -7.78 -2.97
CA SER C 93 -0.71 -6.53 -2.24
C SER C 93 -0.47 -5.35 -3.17
N SER C 94 -0.68 -4.15 -2.64
CA SER C 94 -0.43 -2.95 -3.42
C SER C 94 1.05 -2.80 -3.76
N GLU C 95 1.93 -3.25 -2.87
CA GLU C 95 3.37 -3.15 -3.14
C GLU C 95 3.78 -4.09 -4.26
N GLN C 96 3.17 -5.28 -4.33
CA GLN C 96 3.46 -6.21 -5.40
C GLN C 96 2.93 -5.67 -6.74
N THR C 97 1.71 -5.13 -6.73
CA THR C 97 1.20 -4.47 -7.93
C THR C 97 2.09 -3.30 -8.33
N LYS C 98 2.65 -2.58 -7.37
CA LYS C 98 3.54 -1.47 -7.71
C LYS C 98 4.84 -2.01 -8.31
N ALA C 99 5.31 -3.16 -7.84
CA ALA C 99 6.46 -3.78 -8.49
C ALA C 99 6.17 -4.07 -9.95
N VAL C 100 4.96 -4.58 -10.22
CA VAL C 100 4.57 -4.82 -11.62
C VAL C 100 4.51 -3.51 -12.40
N VAL C 101 3.96 -2.46 -11.80
CA VAL C 101 3.78 -1.19 -12.52
C VAL C 101 5.12 -0.53 -12.79
N ASP C 102 6.03 -0.53 -11.81
CA ASP C 102 7.32 0.12 -11.98
C ASP C 102 8.23 -0.65 -12.93
N GLY C 103 7.93 -1.93 -13.17
CA GLY C 103 8.67 -2.70 -14.15
C GLY C 103 8.28 -2.43 -15.58
N GLY C 104 7.31 -1.55 -15.79
CA GLY C 104 6.87 -1.20 -17.13
C GLY C 104 5.80 -2.09 -17.72
N ALA C 105 4.99 -2.74 -16.87
CA ALA C 105 4.04 -3.72 -17.39
C ALA C 105 2.86 -3.07 -18.11
N ILE C 106 2.46 -1.87 -17.70
CA ILE C 106 1.22 -1.29 -18.23
C ILE C 106 1.29 -1.06 -19.73
N PRO C 107 2.28 -0.34 -20.27
CA PRO C 107 2.29 -0.13 -21.73
C PRO C 107 2.44 -1.42 -22.52
N ALA C 108 3.24 -2.36 -22.02
CA ALA C 108 3.40 -3.63 -22.70
C ALA C 108 2.08 -4.38 -22.78
N LEU C 109 1.32 -4.41 -21.67
CA LEU C 109 0.04 -5.10 -21.68
C LEU C 109 -0.96 -4.38 -22.58
N ILE C 110 -0.93 -3.06 -22.59
CA ILE C 110 -1.81 -2.31 -23.48
C ILE C 110 -1.52 -2.64 -24.93
N SER C 111 -0.23 -2.73 -25.30
CA SER C 111 0.10 -3.13 -26.66
C SER C 111 -0.35 -4.55 -26.94
N LEU C 112 -0.23 -5.42 -25.94
CA LEU C 112 -0.66 -6.81 -26.09
C LEU C 112 -2.16 -6.93 -26.30
N LEU C 113 -2.92 -5.93 -25.85
CA LEU C 113 -4.37 -5.98 -26.03
C LEU C 113 -4.78 -6.26 -27.47
N ALA C 114 -3.99 -5.83 -28.45
CA ALA C 114 -4.34 -5.99 -29.85
C ALA C 114 -3.80 -7.27 -30.47
N SER C 115 -3.28 -8.19 -29.67
CA SER C 115 -2.71 -9.40 -30.22
C SER C 115 -3.78 -10.21 -30.95
N PRO C 116 -3.45 -10.84 -32.09
CA PRO C 116 -4.46 -11.66 -32.77
C PRO C 116 -4.88 -12.87 -31.97
N HIS C 117 -4.04 -13.36 -31.05
CA HIS C 117 -4.43 -14.47 -30.19
C HIS C 117 -5.30 -13.95 -29.07
N ALA C 118 -6.55 -14.42 -29.02
CA ALA C 118 -7.51 -13.87 -28.08
C ALA C 118 -7.12 -14.16 -26.64
N HIS C 119 -6.56 -15.34 -26.37
CA HIS C 119 -6.24 -15.70 -25.00
C HIS C 119 -5.13 -14.82 -24.45
N ILE C 120 -4.16 -14.45 -25.28
CA ILE C 120 -3.11 -13.54 -24.85
C ILE C 120 -3.69 -12.15 -24.59
N SER C 121 -4.50 -11.65 -25.52
CA SER C 121 -5.11 -10.34 -25.36
C SER C 121 -5.94 -10.27 -24.08
N GLU C 122 -6.71 -11.33 -23.81
CA GLU C 122 -7.58 -11.34 -22.65
C GLU C 122 -6.80 -11.51 -21.35
N GLN C 123 -5.68 -12.24 -21.38
CA GLN C 123 -4.84 -12.28 -20.19
C GLN C 123 -4.26 -10.91 -19.90
N ALA C 124 -3.89 -10.16 -20.94
CA ALA C 124 -3.43 -8.79 -20.72
C ALA C 124 -4.56 -7.93 -20.15
N VAL C 125 -5.78 -8.13 -20.64
CA VAL C 125 -6.93 -7.42 -20.09
C VAL C 125 -7.05 -7.70 -18.59
N TRP C 126 -6.97 -8.97 -18.21
CA TRP C 126 -7.08 -9.35 -16.79
C TRP C 126 -5.96 -8.71 -15.96
N ALA C 127 -4.74 -8.71 -16.49
CA ALA C 127 -3.62 -8.07 -15.77
C ALA C 127 -3.90 -6.59 -15.54
N LEU C 128 -4.31 -5.88 -16.58
CA LEU C 128 -4.62 -4.46 -16.44
C LEU C 128 -5.78 -4.25 -15.47
N GLY C 129 -6.74 -5.17 -15.46
CA GLY C 129 -7.84 -5.05 -14.52
C GLY C 129 -7.36 -5.14 -13.07
N ASN C 130 -6.46 -6.08 -12.79
CA ASN C 130 -5.88 -6.16 -11.45
C ASN C 130 -5.16 -4.86 -11.10
N ILE C 131 -4.30 -4.38 -12.01
CA ILE C 131 -3.56 -3.15 -11.73
C ILE C 131 -4.50 -2.01 -11.42
N ALA C 132 -5.53 -1.83 -12.25
CA ALA C 132 -6.48 -0.74 -12.03
C ALA C 132 -7.30 -0.95 -10.77
N GLY C 133 -7.54 -2.20 -10.38
CA GLY C 133 -8.25 -2.47 -9.16
C GLY C 133 -7.43 -2.24 -7.92
N ASP C 134 -6.12 -2.04 -8.06
CA ASP C 134 -5.30 -1.73 -6.90
C ASP C 134 -5.67 -0.37 -6.28
N GLY C 135 -6.17 0.56 -7.06
CA GLY C 135 -6.41 1.89 -6.54
C GLY C 135 -6.57 2.92 -7.64
N SER C 136 -6.86 4.15 -7.21
CA SER C 136 -7.08 5.24 -8.16
C SER C 136 -5.79 5.64 -8.86
N VAL C 137 -4.65 5.50 -8.19
CA VAL C 137 -3.38 5.89 -8.82
C VAL C 137 -3.10 5.02 -10.03
N PHE C 138 -3.06 3.70 -9.82
CA PHE C 138 -2.78 2.80 -10.93
C PHE C 138 -3.92 2.79 -11.94
N ARG C 139 -5.15 3.06 -11.49
CA ARG C 139 -6.26 3.21 -12.41
C ARG C 139 -6.00 4.37 -13.38
N ASP C 140 -5.62 5.53 -12.84
CA ASP C 140 -5.32 6.67 -13.69
C ASP C 140 -4.08 6.43 -14.54
N LEU C 141 -3.14 5.59 -14.09
CA LEU C 141 -2.00 5.25 -14.92
C LEU C 141 -2.43 4.42 -16.12
N VAL C 142 -3.25 3.38 -15.88
CA VAL C 142 -3.74 2.55 -16.97
C VAL C 142 -4.52 3.41 -17.96
N ILE C 143 -5.29 4.38 -17.45
CA ILE C 143 -6.02 5.27 -18.36
C ILE C 143 -5.04 6.17 -19.11
N LYS C 144 -3.97 6.60 -18.45
CA LYS C 144 -3.03 7.54 -19.08
C LYS C 144 -2.29 6.90 -20.24
N TYR C 145 -1.96 5.62 -20.14
CA TYR C 145 -1.22 4.93 -21.19
C TYR C 145 -2.12 4.41 -22.30
N GLY C 146 -3.39 4.81 -22.33
CA GLY C 146 -4.24 4.54 -23.46
C GLY C 146 -4.90 3.17 -23.48
N ALA C 147 -5.42 2.73 -22.35
CA ALA C 147 -6.06 1.42 -22.30
C ALA C 147 -7.51 1.45 -22.77
N ILE C 148 -8.17 2.61 -22.67
CA ILE C 148 -9.61 2.66 -22.90
C ILE C 148 -9.96 2.36 -24.35
N ASP C 149 -9.22 2.94 -25.30
CA ASP C 149 -9.57 2.69 -26.71
C ASP C 149 -9.41 1.23 -27.08
N PRO C 150 -8.27 0.57 -26.80
CA PRO C 150 -8.20 -0.87 -27.11
C PRO C 150 -9.22 -1.69 -26.35
N LEU C 151 -9.46 -1.39 -25.07
CA LEU C 151 -10.45 -2.15 -24.31
C LEU C 151 -11.84 -2.03 -24.93
N LEU C 152 -12.26 -0.81 -25.25
CA LEU C 152 -13.58 -0.61 -25.82
C LEU C 152 -13.68 -1.24 -27.22
N ALA C 153 -12.59 -1.23 -27.99
CA ALA C 153 -12.61 -1.91 -29.28
C ALA C 153 -12.75 -3.42 -29.11
N LEU C 154 -12.08 -3.98 -28.10
CA LEU C 154 -12.23 -5.40 -27.81
C LEU C 154 -13.65 -5.72 -27.36
N LEU C 155 -14.31 -4.77 -26.70
CA LEU C 155 -15.66 -4.95 -26.19
C LEU C 155 -16.72 -4.48 -27.16
N ALA C 156 -16.33 -4.01 -28.34
CA ALA C 156 -17.27 -3.62 -29.39
C ALA C 156 -17.42 -4.67 -30.48
N VAL C 157 -16.66 -5.76 -30.42
CA VAL C 157 -16.67 -6.77 -31.47
C VAL C 157 -17.93 -7.62 -31.35
N PRO C 158 -18.57 -8.01 -32.47
CA PRO C 158 -19.66 -8.99 -32.38
C PRO C 158 -19.12 -10.37 -32.01
N ASP C 159 -19.25 -10.75 -30.75
CA ASP C 159 -18.75 -12.03 -30.25
C ASP C 159 -19.93 -12.90 -29.82
N MET C 160 -20.22 -13.95 -30.60
CA MET C 160 -21.36 -14.82 -30.36
C MET C 160 -20.84 -16.24 -30.14
N SER C 161 -20.60 -16.58 -28.88
CA SER C 161 -20.08 -17.88 -28.45
C SER C 161 -20.02 -17.84 -26.92
N SER C 162 -19.70 -19.00 -26.33
CA SER C 162 -19.50 -19.03 -24.87
C SER C 162 -18.16 -18.43 -24.49
N LEU C 163 -17.12 -18.72 -25.28
CA LEU C 163 -15.83 -18.06 -25.06
C LEU C 163 -15.99 -16.56 -25.13
N ALA C 164 -16.83 -16.09 -26.06
CA ALA C 164 -17.14 -14.67 -26.14
C ALA C 164 -17.78 -14.18 -24.85
N GLY C 165 -18.65 -15.00 -24.25
CA GLY C 165 -19.25 -14.61 -22.98
C GLY C 165 -18.23 -14.47 -21.87
N GLY C 166 -17.32 -15.44 -21.76
CA GLY C 166 -16.30 -15.35 -20.73
C GLY C 166 -15.37 -14.17 -20.91
N TYR C 167 -14.93 -13.94 -22.15
CA TYR C 167 -14.11 -12.77 -22.44
C TYR C 167 -14.86 -11.47 -22.19
N LEU C 168 -16.17 -11.47 -22.48
CA LEU C 168 -16.98 -10.29 -22.20
C LEU C 168 -17.04 -10.03 -20.71
N ARG C 169 -17.17 -11.09 -19.90
CA ARG C 169 -17.12 -10.93 -18.45
C ARG C 169 -15.78 -10.34 -18.01
N ASN C 170 -14.70 -10.87 -18.55
CA ASN C 170 -13.36 -10.38 -18.20
C ASN C 170 -13.22 -8.90 -18.54
N LEU C 171 -13.64 -8.52 -19.75
CA LEU C 171 -13.52 -7.13 -20.19
C LEU C 171 -14.39 -6.20 -19.36
N THR C 172 -15.62 -6.63 -19.05
CA THR C 172 -16.49 -5.80 -18.23
C THR C 172 -15.92 -5.61 -16.83
N TRP C 173 -15.32 -6.67 -16.27
CA TRP C 173 -14.70 -6.53 -14.96
C TRP C 173 -13.56 -5.52 -14.99
N THR C 174 -12.69 -5.62 -16.01
CA THR C 174 -11.60 -4.65 -16.11
C THR C 174 -12.13 -3.22 -16.27
N LEU C 175 -13.15 -3.05 -17.11
CA LEU C 175 -13.72 -1.72 -17.31
C LEU C 175 -14.35 -1.17 -16.03
N SER C 176 -15.07 -2.01 -15.29
CA SER C 176 -15.68 -1.55 -14.05
C SER C 176 -14.62 -1.16 -13.03
N ASN C 177 -13.50 -1.89 -12.99
CA ASN C 177 -12.41 -1.46 -12.12
C ASN C 177 -11.82 -0.14 -12.59
N LEU C 178 -11.86 0.14 -13.89
CA LEU C 178 -11.44 1.45 -14.37
C LEU C 178 -12.44 2.54 -14.02
N CYS C 179 -13.68 2.18 -13.71
CA CYS C 179 -14.68 3.14 -13.23
C CYS C 179 -14.70 3.29 -11.71
N ARG C 180 -13.81 2.62 -11.00
CA ARG C 180 -13.90 2.42 -9.56
C ARG C 180 -12.99 3.39 -8.80
N ASN C 181 -13.23 3.47 -7.49
CA ASN C 181 -12.38 4.18 -6.54
C ASN C 181 -12.52 5.70 -6.65
N LYS C 182 -12.06 6.42 -5.61
CA LYS C 182 -12.22 7.87 -5.54
C LYS C 182 -10.97 8.47 -4.90
N ASN C 183 -10.99 9.81 -4.75
CA ASN C 183 -9.88 10.59 -4.19
C ASN C 183 -8.54 10.09 -4.73
N PRO C 184 -8.28 10.31 -6.03
CA PRO C 184 -9.15 11.00 -6.98
C PRO C 184 -10.09 10.04 -7.71
N ALA C 185 -11.17 10.57 -8.27
CA ALA C 185 -12.07 9.79 -9.10
C ALA C 185 -11.59 9.78 -10.53
N PRO C 186 -12.06 8.85 -11.35
CA PRO C 186 -11.58 8.76 -12.74
C PRO C 186 -11.74 10.09 -13.45
N PRO C 187 -10.80 10.46 -14.31
CA PRO C 187 -10.94 11.72 -15.05
C PRO C 187 -12.23 11.74 -15.85
N LEU C 188 -12.87 12.91 -15.91
CA LEU C 188 -14.17 13.01 -16.55
C LEU C 188 -14.12 12.62 -18.02
N ASP C 189 -13.03 12.97 -18.70
CA ASP C 189 -12.89 12.55 -20.10
C ASP C 189 -12.98 11.05 -20.24
N ALA C 190 -12.35 10.31 -19.32
CA ALA C 190 -12.42 8.85 -19.36
C ALA C 190 -13.85 8.37 -19.11
N VAL C 191 -14.56 8.97 -18.16
CA VAL C 191 -15.92 8.55 -17.88
C VAL C 191 -16.82 8.80 -19.09
N GLU C 192 -16.64 9.94 -19.75
CA GLU C 192 -17.41 10.24 -20.95
C GLU C 192 -17.07 9.29 -22.09
N GLN C 193 -15.81 8.85 -22.15
CA GLN C 193 -15.42 7.88 -23.17
C GLN C 193 -15.96 6.50 -22.86
N ILE C 194 -16.16 6.18 -21.58
CA ILE C 194 -16.56 4.84 -21.18
C ILE C 194 -18.07 4.65 -21.20
N LEU C 195 -18.83 5.69 -20.88
CA LEU C 195 -20.25 5.51 -20.59
C LEU C 195 -21.03 4.85 -21.73
N PRO C 196 -20.88 5.25 -23.00
CA PRO C 196 -21.69 4.60 -24.05
C PRO C 196 -21.56 3.09 -24.06
N THR C 197 -20.34 2.59 -23.89
CA THR C 197 -20.12 1.14 -23.86
C THR C 197 -20.80 0.51 -22.66
N LEU C 198 -20.79 1.18 -21.51
CA LEU C 198 -21.50 0.65 -20.34
C LEU C 198 -23.00 0.56 -20.63
N VAL C 199 -23.55 1.59 -21.28
CA VAL C 199 -24.96 1.56 -21.66
C VAL C 199 -25.23 0.36 -22.56
N ARG C 200 -24.37 0.15 -23.56
CA ARG C 200 -24.56 -0.98 -24.46
CA ARG C 200 -24.57 -0.98 -24.46
C ARG C 200 -24.50 -2.31 -23.70
N LEU C 201 -23.48 -2.47 -22.86
CA LEU C 201 -23.35 -3.72 -22.10
C LEU C 201 -24.56 -3.96 -21.22
N LEU C 202 -25.17 -2.89 -20.71
CA LEU C 202 -26.32 -3.05 -19.83
C LEU C 202 -27.49 -3.75 -20.54
N HIS C 203 -27.47 -3.82 -21.87
CA HIS C 203 -28.52 -4.48 -22.63
C HIS C 203 -28.13 -5.89 -23.05
N HIS C 204 -27.14 -6.49 -22.40
CA HIS C 204 -26.77 -7.87 -22.61
C HIS C 204 -27.59 -8.78 -21.69
N ASN C 205 -27.57 -10.07 -22.01
CA ASN C 205 -28.29 -11.07 -21.23
C ASN C 205 -27.42 -11.77 -20.20
N ASP C 206 -26.11 -11.60 -20.25
CA ASP C 206 -25.23 -12.28 -19.31
C ASP C 206 -25.37 -11.67 -17.92
N LEU C 207 -25.67 -12.52 -16.93
CA LEU C 207 -25.92 -12.04 -15.58
C LEU C 207 -24.66 -11.42 -14.97
N GLU C 208 -23.50 -12.06 -15.17
CA GLU C 208 -22.26 -11.52 -14.63
C GLU C 208 -21.91 -10.19 -15.30
N VAL C 209 -22.07 -10.11 -16.63
CA VAL C 209 -21.81 -8.86 -17.34
C VAL C 209 -22.74 -7.76 -16.83
N LEU C 210 -24.03 -8.08 -16.70
CA LEU C 210 -24.97 -7.08 -16.20
C LEU C 210 -24.60 -6.63 -14.79
N ALA C 211 -24.20 -7.57 -13.93
CA ALA C 211 -23.84 -7.21 -12.56
C ALA C 211 -22.63 -6.29 -12.54
N ASP C 212 -21.57 -6.65 -13.29
CA ASP C 212 -20.38 -5.81 -13.31
C ASP C 212 -20.68 -4.44 -13.92
N THR C 213 -21.54 -4.39 -14.93
CA THR C 213 -21.87 -3.10 -15.55
C THR C 213 -22.65 -2.23 -14.58
N CYS C 214 -23.60 -2.80 -13.84
CA CYS C 214 -24.32 -2.04 -12.84
C CYS C 214 -23.38 -1.56 -11.74
N TRP C 215 -22.41 -2.39 -11.36
CA TRP C 215 -21.43 -1.96 -10.35
C TRP C 215 -20.61 -0.79 -10.85
N ALA C 216 -20.21 -0.82 -12.12
CA ALA C 216 -19.50 0.32 -12.69
C ALA C 216 -20.37 1.57 -12.64
N ILE C 217 -21.65 1.44 -13.01
CA ILE C 217 -22.57 2.57 -12.95
C ILE C 217 -22.63 3.12 -11.53
N SER C 218 -22.71 2.22 -10.54
CA SER C 218 -22.82 2.66 -9.15
C SER C 218 -21.55 3.37 -8.69
N TYR C 219 -20.38 2.91 -9.14
CA TYR C 219 -19.15 3.65 -8.86
C TYR C 219 -19.23 5.05 -9.45
N LEU C 220 -19.65 5.15 -10.72
CA LEU C 220 -19.63 6.44 -11.41
C LEU C 220 -20.65 7.41 -10.83
N THR C 221 -21.74 6.89 -10.24
CA THR C 221 -22.78 7.74 -9.69
C THR C 221 -22.53 8.17 -8.25
N ASP C 222 -21.54 7.59 -7.56
CA ASP C 222 -21.27 7.91 -6.17
C ASP C 222 -20.27 9.06 -6.12
N GLY C 223 -20.79 10.29 -6.08
CA GLY C 223 -19.96 11.46 -6.07
C GLY C 223 -20.76 12.73 -6.25
N PRO C 224 -20.12 13.81 -6.69
CA PRO C 224 -20.85 15.06 -6.90
C PRO C 224 -21.90 14.92 -7.99
N ASN C 225 -22.82 15.87 -8.02
CA ASN C 225 -23.94 15.81 -8.95
C ASN C 225 -23.50 15.96 -10.41
N GLU C 226 -22.29 16.45 -10.66
CA GLU C 226 -21.81 16.57 -12.03
C GLU C 226 -21.65 15.18 -12.65
N ARG C 227 -21.11 14.23 -11.88
CA ARG C 227 -20.95 12.86 -12.37
C ARG C 227 -22.31 12.19 -12.53
N ILE C 228 -23.23 12.42 -11.59
CA ILE C 228 -24.57 11.89 -11.74
C ILE C 228 -25.20 12.41 -13.04
N GLU C 229 -24.96 13.69 -13.36
CA GLU C 229 -25.48 14.25 -14.59
C GLU C 229 -24.88 13.55 -15.81
N MET C 230 -23.56 13.31 -15.77
CA MET C 230 -22.92 12.57 -16.85
C MET C 230 -23.62 11.22 -17.07
N VAL C 231 -23.80 10.47 -15.99
CA VAL C 231 -24.41 9.14 -16.11
C VAL C 231 -25.85 9.25 -16.61
N VAL C 232 -26.60 10.22 -16.09
CA VAL C 232 -28.02 10.32 -16.40
C VAL C 232 -28.23 10.76 -17.84
N LYS C 233 -27.32 11.56 -18.39
CA LYS C 233 -27.50 12.03 -19.76
C LYS C 233 -27.47 10.88 -20.77
N THR C 234 -26.83 9.77 -20.41
CA THR C 234 -26.75 8.64 -21.35
C THR C 234 -28.12 8.02 -21.60
N GLY C 235 -29.04 8.14 -20.64
CA GLY C 235 -30.36 7.57 -20.79
C GLY C 235 -30.53 6.18 -20.22
N VAL C 236 -29.67 5.79 -19.25
CA VAL C 236 -29.71 4.43 -18.74
C VAL C 236 -30.73 4.22 -17.63
N VAL C 237 -31.22 5.29 -16.99
CA VAL C 237 -32.00 5.12 -15.77
C VAL C 237 -33.20 4.21 -15.99
N PRO C 238 -33.96 4.34 -17.09
CA PRO C 238 -35.07 3.39 -17.30
C PRO C 238 -34.63 1.94 -17.28
N HIS C 239 -33.53 1.61 -17.95
CA HIS C 239 -33.05 0.24 -17.92
C HIS C 239 -32.51 -0.15 -16.55
N LEU C 240 -31.90 0.80 -15.84
CA LEU C 240 -31.49 0.52 -14.46
C LEU C 240 -32.68 0.12 -13.61
N VAL C 241 -33.82 0.81 -13.79
CA VAL C 241 -35.00 0.48 -12.98
C VAL C 241 -35.53 -0.90 -13.38
N LYS C 242 -35.59 -1.17 -14.69
CA LYS C 242 -35.97 -2.51 -15.11
C LYS C 242 -35.09 -3.57 -14.47
N LEU C 243 -33.78 -3.35 -14.44
CA LEU C 243 -32.88 -4.31 -13.80
C LEU C 243 -33.09 -4.36 -12.30
N LEU C 244 -33.50 -3.24 -11.71
CA LEU C 244 -33.90 -3.23 -10.31
C LEU C 244 -35.03 -4.22 -10.08
N GLY C 245 -35.86 -4.44 -11.09
CA GLY C 245 -36.90 -5.45 -10.99
C GLY C 245 -36.45 -6.87 -11.24
N SER C 246 -35.15 -7.14 -11.31
CA SER C 246 -34.65 -8.48 -11.60
C SER C 246 -34.90 -9.45 -10.44
N ASN C 247 -35.10 -10.71 -10.77
CA ASN C 247 -35.15 -11.78 -9.78
C ASN C 247 -33.75 -12.26 -9.38
N GLU C 248 -32.71 -11.68 -9.96
CA GLU C 248 -31.33 -12.02 -9.62
C GLU C 248 -30.82 -10.97 -8.65
N LEU C 249 -30.47 -11.39 -7.43
CA LEU C 249 -30.00 -10.45 -6.43
C LEU C 249 -28.68 -9.78 -6.85
N SER C 250 -27.83 -10.52 -7.56
CA SER C 250 -26.56 -9.98 -8.03
C SER C 250 -26.74 -8.80 -8.97
N ILE C 251 -27.90 -8.68 -9.62
CA ILE C 251 -28.18 -7.56 -10.51
C ILE C 251 -28.95 -6.47 -9.79
N MET C 252 -29.86 -6.84 -8.89
CA MET C 252 -30.65 -5.87 -8.17
C MET C 252 -29.78 -5.04 -7.22
N THR C 253 -28.87 -5.69 -6.49
CA THR C 253 -28.07 -4.96 -5.52
C THR C 253 -27.31 -3.79 -6.15
N PRO C 254 -26.48 -3.99 -7.17
CA PRO C 254 -25.79 -2.83 -7.76
C PRO C 254 -26.73 -1.84 -8.43
N ALA C 255 -27.80 -2.33 -9.06
CA ALA C 255 -28.76 -1.41 -9.66
C ALA C 255 -29.42 -0.52 -8.61
N LEU C 256 -29.81 -1.12 -7.47
CA LEU C 256 -30.39 -0.33 -6.39
C LEU C 256 -29.38 0.66 -5.84
N ARG C 257 -28.11 0.24 -5.73
CA ARG C 257 -27.07 1.15 -5.25
C ARG C 257 -26.95 2.35 -6.18
N ALA C 258 -26.97 2.10 -7.49
CA ALA C 258 -26.86 3.18 -8.47
C ALA C 258 -28.06 4.11 -8.41
N ILE C 259 -29.28 3.55 -8.30
CA ILE C 259 -30.47 4.39 -8.22
C ILE C 259 -30.42 5.27 -6.98
N GLY C 260 -30.01 4.70 -5.85
CA GLY C 260 -29.85 5.52 -4.65
C GLY C 260 -28.85 6.64 -4.85
N ASN C 261 -27.70 6.32 -5.46
CA ASN C 261 -26.70 7.36 -5.70
C ASN C 261 -27.27 8.46 -6.57
N ILE C 262 -28.08 8.09 -7.58
CA ILE C 262 -28.61 9.10 -8.48
C ILE C 262 -29.61 9.99 -7.75
N VAL C 263 -30.42 9.40 -6.85
CA VAL C 263 -31.39 10.22 -6.13
C VAL C 263 -30.77 10.99 -4.98
N THR C 264 -29.47 10.82 -4.72
CA THR C 264 -28.82 11.76 -3.80
C THR C 264 -28.50 13.09 -4.47
N GLY C 265 -28.79 13.25 -5.76
CA GLY C 265 -28.44 14.45 -6.50
C GLY C 265 -29.54 15.49 -6.50
N THR C 266 -29.63 16.22 -7.61
CA THR C 266 -30.58 17.31 -7.71
C THR C 266 -32.02 16.79 -7.81
N ASP C 267 -32.96 17.74 -7.76
CA ASP C 267 -34.36 17.39 -7.93
C ASP C 267 -34.63 16.87 -9.34
N GLU C 268 -33.93 17.40 -10.35
CA GLU C 268 -34.16 16.97 -11.72
C GLU C 268 -33.66 15.54 -11.93
N GLN C 269 -32.54 15.18 -11.33
CA GLN C 269 -32.04 13.81 -11.43
C GLN C 269 -32.98 12.85 -10.70
N THR C 270 -33.47 13.25 -9.53
CA THR C 270 -34.46 12.45 -8.83
C THR C 270 -35.70 12.26 -9.67
N GLN C 271 -36.12 13.30 -10.39
CA GLN C 271 -37.28 13.17 -11.26
C GLN C 271 -36.99 12.26 -12.44
N ILE C 272 -35.75 12.25 -12.93
CA ILE C 272 -35.38 11.26 -13.94
C ILE C 272 -35.64 9.85 -13.39
N VAL C 273 -35.25 9.62 -12.14
CA VAL C 273 -35.48 8.29 -11.56
C VAL C 273 -36.98 8.01 -11.44
N ILE C 274 -37.76 9.02 -11.02
CA ILE C 274 -39.18 8.80 -10.80
C ILE C 274 -39.90 8.54 -12.12
N ASP C 275 -39.53 9.26 -13.19
CA ASP C 275 -40.15 9.05 -14.48
C ASP C 275 -39.82 7.67 -15.04
N ALA C 276 -38.66 7.12 -14.69
CA ALA C 276 -38.31 5.77 -15.12
C ALA C 276 -39.14 4.70 -14.43
N GLY C 277 -39.93 5.07 -13.42
CA GLY C 277 -40.83 4.14 -12.78
C GLY C 277 -40.29 3.44 -11.57
N ALA C 278 -39.26 4.00 -10.93
CA ALA C 278 -38.59 3.30 -9.84
C ALA C 278 -39.52 3.10 -8.65
N LEU C 279 -40.39 4.08 -8.36
CA LEU C 279 -41.21 3.97 -7.17
C LEU C 279 -42.07 2.70 -7.20
N ALA C 280 -42.50 2.29 -8.38
CA ALA C 280 -43.36 1.12 -8.49
C ALA C 280 -42.67 -0.17 -8.07
N VAL C 281 -41.34 -0.16 -7.99
CA VAL C 281 -40.60 -1.33 -7.52
C VAL C 281 -40.30 -1.27 -6.03
N PHE C 282 -40.39 -0.11 -5.40
CA PHE C 282 -39.85 0.00 -4.05
C PHE C 282 -40.71 -0.67 -2.99
N PRO C 283 -42.02 -0.88 -3.20
CA PRO C 283 -42.77 -1.68 -2.22
C PRO C 283 -42.08 -3.01 -1.98
N SER C 284 -41.89 -3.77 -3.06
CA SER C 284 -41.24 -5.07 -2.95
C SER C 284 -39.85 -4.96 -2.33
N LEU C 285 -39.13 -3.89 -2.61
CA LEU C 285 -37.80 -3.73 -2.05
C LEU C 285 -37.83 -3.42 -0.56
N LEU C 286 -38.87 -2.72 -0.09
CA LEU C 286 -38.91 -2.34 1.31
C LEU C 286 -39.29 -3.49 2.23
N VAL C 287 -39.82 -4.59 1.68
CA VAL C 287 -40.15 -5.77 2.46
C VAL C 287 -39.27 -6.96 2.04
N HIS C 288 -38.16 -6.67 1.39
CA HIS C 288 -37.33 -7.75 0.83
C HIS C 288 -36.74 -8.59 1.95
N PRO C 289 -36.61 -9.92 1.76
CA PRO C 289 -36.04 -10.74 2.82
C PRO C 289 -34.67 -10.28 3.27
N LYS C 290 -33.82 -9.88 2.33
CA LYS C 290 -32.48 -9.38 2.67
C LYS C 290 -32.60 -8.03 3.36
N THR C 291 -32.12 -7.97 4.62
CA THR C 291 -32.20 -6.72 5.37
C THR C 291 -31.36 -5.63 4.72
N ASN C 292 -30.30 -6.02 4.01
CA ASN C 292 -29.48 -5.04 3.30
C ASN C 292 -30.29 -4.33 2.23
N ILE C 293 -31.13 -5.08 1.52
CA ILE C 293 -31.98 -4.46 0.51
C ILE C 293 -32.98 -3.51 1.16
N GLN C 294 -33.57 -3.91 2.29
CA GLN C 294 -34.47 -3.01 3.01
C GLN C 294 -33.76 -1.72 3.38
N LYS C 295 -32.54 -1.84 3.90
CA LYS C 295 -31.74 -0.68 4.29
C LYS C 295 -31.49 0.24 3.10
N GLU C 296 -30.97 -0.32 2.00
N GLU C 296 -30.97 -0.32 2.01
CA GLU C 296 -30.68 0.49 0.83
CA GLU C 296 -30.68 0.49 0.83
C GLU C 296 -31.94 1.17 0.30
C GLU C 296 -31.94 1.17 0.30
N ALA C 297 -33.04 0.42 0.22
CA ALA C 297 -34.27 0.99 -0.33
C ALA C 297 -34.83 2.08 0.56
N THR C 298 -34.75 1.91 1.89
CA THR C 298 -35.25 2.93 2.79
C THR C 298 -34.37 4.18 2.73
N TRP C 299 -33.05 4.01 2.60
CA TRP C 299 -32.17 5.16 2.41
C TRP C 299 -32.52 5.91 1.13
N THR C 300 -32.72 5.16 0.04
CA THR C 300 -33.17 5.79 -1.20
C THR C 300 -34.48 6.54 -1.00
N MET C 301 -35.42 5.92 -0.30
CA MET C 301 -36.71 6.56 -0.04
C MET C 301 -36.52 7.85 0.73
N SER C 302 -35.59 7.87 1.68
CA SER C 302 -35.35 9.10 2.43
C SER C 302 -34.77 10.18 1.52
N ASN C 303 -33.93 9.79 0.57
CA ASN C 303 -33.43 10.80 -0.38
C ASN C 303 -34.53 11.29 -1.32
N ILE C 304 -35.55 10.46 -1.58
CA ILE C 304 -36.66 10.94 -2.41
C ILE C 304 -37.58 11.84 -1.61
N THR C 305 -37.84 11.52 -0.33
CA THR C 305 -38.67 12.38 0.51
C THR C 305 -37.95 13.66 0.89
N ALA C 306 -36.64 13.74 0.66
CA ALA C 306 -35.89 14.98 0.80
C ALA C 306 -35.99 15.87 -0.44
N GLY C 307 -36.86 15.52 -1.38
CA GLY C 307 -37.01 16.24 -2.62
C GLY C 307 -38.17 17.20 -2.61
N ARG C 308 -38.60 17.59 -3.81
CA ARG C 308 -39.70 18.54 -3.96
C ARG C 308 -41.01 17.92 -3.47
N GLN C 309 -42.02 18.78 -3.34
CA GLN C 309 -43.31 18.33 -2.81
C GLN C 309 -44.04 17.45 -3.80
N ASP C 310 -43.86 17.67 -5.11
CA ASP C 310 -44.45 16.78 -6.10
C ASP C 310 -43.84 15.38 -6.01
N GLN C 311 -42.57 15.28 -5.62
CA GLN C 311 -41.95 13.97 -5.46
C GLN C 311 -42.45 13.27 -4.20
N ILE C 312 -42.64 14.02 -3.11
CA ILE C 312 -43.30 13.45 -1.93
C ILE C 312 -44.69 12.98 -2.30
N GLN C 313 -45.39 13.75 -3.14
CA GLN C 313 -46.73 13.35 -3.57
C GLN C 313 -46.68 12.08 -4.39
N GLN C 314 -45.62 11.90 -5.18
CA GLN C 314 -45.47 10.67 -5.94
C GLN C 314 -45.23 9.48 -5.02
N VAL C 315 -44.46 9.70 -3.95
CA VAL C 315 -44.29 8.66 -2.94
C VAL C 315 -45.64 8.29 -2.32
N VAL C 316 -46.48 9.31 -2.06
CA VAL C 316 -47.79 9.04 -1.47
C VAL C 316 -48.66 8.27 -2.45
N ASN C 317 -48.62 8.64 -3.74
CA ASN C 317 -49.48 8.02 -4.73
C ASN C 317 -49.14 6.55 -4.94
N HIS C 318 -47.88 6.18 -4.78
CA HIS C 318 -47.45 4.78 -4.92
C HIS C 318 -47.70 3.97 -3.65
N GLY C 319 -48.41 4.52 -2.67
CA GLY C 319 -48.75 3.77 -1.49
C GLY C 319 -47.58 3.41 -0.61
N LEU C 320 -46.53 4.22 -0.62
CA LEU C 320 -45.31 3.91 0.11
C LEU C 320 -45.31 4.41 1.55
N VAL C 321 -46.25 5.28 1.93
CA VAL C 321 -46.24 5.84 3.28
C VAL C 321 -46.65 4.75 4.28
N PRO C 322 -47.73 4.01 4.05
CA PRO C 322 -48.03 2.90 4.97
C PRO C 322 -46.91 1.88 5.04
N ILE C 323 -46.23 1.62 3.92
CA ILE C 323 -45.10 0.71 3.94
C ILE C 323 -43.98 1.27 4.81
N LEU C 324 -43.71 2.57 4.69
CA LEU C 324 -42.66 3.18 5.52
C LEU C 324 -43.05 3.13 6.98
N VAL C 325 -44.33 3.27 7.29
CA VAL C 325 -44.78 3.14 8.68
C VAL C 325 -44.48 1.72 9.17
N SER C 326 -44.82 0.72 8.36
CA SER C 326 -44.52 -0.66 8.74
C SER C 326 -43.03 -0.86 8.97
N VAL C 327 -42.20 -0.31 8.07
CA VAL C 327 -40.76 -0.46 8.18
C VAL C 327 -40.26 0.17 9.46
N LEU C 328 -40.68 1.41 9.71
CA LEU C 328 -40.32 2.11 10.94
C LEU C 328 -40.76 1.33 12.17
N SER C 329 -41.85 0.58 12.07
CA SER C 329 -42.39 -0.10 13.24
C SER C 329 -41.67 -1.41 13.54
N LYS C 330 -41.55 -2.29 12.54
CA LYS C 330 -41.17 -3.67 12.82
C LYS C 330 -39.88 -4.11 12.15
N ALA C 331 -39.17 -3.23 11.46
CA ALA C 331 -37.93 -3.61 10.80
C ALA C 331 -36.74 -3.48 11.76
N ASP C 332 -35.58 -3.93 11.29
CA ASP C 332 -34.34 -3.85 12.06
C ASP C 332 -33.89 -2.40 12.24
N PHE C 333 -33.07 -2.19 13.27
CA PHE C 333 -32.76 -0.82 13.69
C PHE C 333 -31.99 -0.05 12.64
N LYS C 334 -31.09 -0.71 11.91
CA LYS C 334 -30.35 0.00 10.85
C LYS C 334 -31.32 0.52 9.79
N THR C 335 -32.30 -0.29 9.42
CA THR C 335 -33.34 0.18 8.50
C THR C 335 -34.26 1.20 9.16
N GLN C 336 -34.52 1.05 10.45
CA GLN C 336 -35.38 2.00 11.15
C GLN C 336 -34.76 3.39 11.19
N LYS C 337 -33.44 3.48 11.26
CA LYS C 337 -32.77 4.78 11.19
C LYS C 337 -33.05 5.46 9.86
N GLU C 338 -32.91 4.70 8.77
CA GLU C 338 -33.19 5.26 7.45
C GLU C 338 -34.67 5.64 7.33
N ALA C 339 -35.55 4.85 7.94
CA ALA C 339 -36.98 5.18 7.91
C ALA C 339 -37.25 6.47 8.67
N VAL C 340 -36.55 6.68 9.79
CA VAL C 340 -36.67 7.94 10.53
C VAL C 340 -36.22 9.10 9.66
N TRP C 341 -35.11 8.92 8.94
CA TRP C 341 -34.64 10.00 8.06
C TRP C 341 -35.67 10.30 6.97
N ALA C 342 -36.25 9.26 6.39
CA ALA C 342 -37.28 9.46 5.38
C ALA C 342 -38.48 10.22 5.95
N VAL C 343 -38.94 9.83 7.14
CA VAL C 343 -40.10 10.47 7.74
C VAL C 343 -39.83 11.94 8.04
N THR C 344 -38.65 12.22 8.60
CA THR C 344 -38.35 13.60 8.98
C THR C 344 -38.19 14.47 7.73
N ASN C 345 -37.57 13.95 6.67
CA ASN C 345 -37.41 14.70 5.40
C ASN C 345 -38.79 14.97 4.81
N TYR C 346 -39.71 14.01 4.85
CA TYR C 346 -41.10 14.14 4.36
C TYR C 346 -41.81 15.24 5.13
N THR C 347 -41.66 15.24 6.45
CA THR C 347 -42.33 16.21 7.35
C THR C 347 -41.59 17.53 7.36
N SER C 348 -40.47 17.69 6.67
CA SER C 348 -39.68 18.95 6.60
C SER C 348 -40.03 19.74 5.34
N GLY C 349 -40.18 19.07 4.19
CA GLY C 349 -40.44 19.73 2.92
C GLY C 349 -41.80 19.40 2.36
N GLY C 350 -42.64 18.69 3.11
CA GLY C 350 -43.96 18.25 2.63
C GLY C 350 -45.07 19.17 3.05
N THR C 351 -46.16 19.25 2.30
CA THR C 351 -47.28 20.14 2.55
C THR C 351 -48.01 19.73 3.83
N VAL C 352 -48.91 20.61 4.27
CA VAL C 352 -49.74 20.30 5.44
C VAL C 352 -50.64 19.10 5.15
N GLU C 353 -51.19 19.03 3.94
CA GLU C 353 -52.06 17.90 3.61
C GLU C 353 -51.27 16.60 3.62
N GLN C 354 -50.03 16.63 3.13
CA GLN C 354 -49.19 15.43 3.13
C GLN C 354 -48.84 15.01 4.56
N ILE C 355 -48.59 15.98 5.44
CA ILE C 355 -48.27 15.65 6.82
C ILE C 355 -49.50 15.10 7.54
N VAL C 356 -50.68 15.64 7.24
CA VAL C 356 -51.90 15.09 7.81
C VAL C 356 -52.10 13.65 7.34
N TYR C 357 -51.85 13.39 6.06
CA TYR C 357 -51.90 12.03 5.57
C TYR C 357 -50.95 11.14 6.35
N LEU C 358 -49.70 11.61 6.55
CA LEU C 358 -48.73 10.84 7.31
C LEU C 358 -49.23 10.53 8.70
N VAL C 359 -49.85 11.50 9.37
CA VAL C 359 -50.37 11.26 10.72
C VAL C 359 -51.51 10.25 10.68
N HIS C 360 -52.36 10.32 9.65
CA HIS C 360 -53.47 9.39 9.54
C HIS C 360 -53.00 7.97 9.25
N CYS C 361 -51.81 7.80 8.68
CA CYS C 361 -51.25 6.48 8.47
C CYS C 361 -50.67 5.86 9.74
N GLY C 362 -50.56 6.64 10.82
CA GLY C 362 -50.11 6.10 12.09
C GLY C 362 -48.61 6.22 12.34
N ILE C 363 -48.03 7.36 12.00
CA ILE C 363 -46.59 7.54 12.18
C ILE C 363 -46.24 7.83 13.63
N ILE C 364 -47.15 8.47 14.38
CA ILE C 364 -46.80 9.04 15.67
C ILE C 364 -46.25 7.96 16.60
N GLU C 365 -47.03 6.90 16.81
CA GLU C 365 -46.64 5.93 17.83
C GLU C 365 -45.33 5.22 17.50
N PRO C 366 -45.10 4.69 16.29
CA PRO C 366 -43.81 4.05 16.02
C PRO C 366 -42.65 5.02 16.06
N LEU C 367 -42.84 6.21 15.47
CA LEU C 367 -41.79 7.23 15.54
C LEU C 367 -41.42 7.53 16.99
N MET C 368 -42.42 7.58 17.87
CA MET C 368 -42.15 7.88 19.28
C MET C 368 -41.49 6.70 19.97
N ASN C 369 -41.91 5.49 19.66
CA ASN C 369 -41.30 4.32 20.29
C ASN C 369 -39.81 4.23 19.95
N LEU C 370 -39.41 4.79 18.80
CA LEU C 370 -37.98 4.82 18.50
C LEU C 370 -37.21 5.82 19.37
N LEU C 371 -37.89 6.64 20.19
CA LEU C 371 -37.19 7.60 21.04
C LEU C 371 -36.43 6.97 22.21
N THR C 372 -36.52 5.66 22.44
CA THR C 372 -35.71 5.01 23.45
C THR C 372 -34.34 4.58 22.93
N ALA C 373 -34.04 4.86 21.67
CA ALA C 373 -32.78 4.42 21.08
C ALA C 373 -31.60 5.11 21.76
N LYS C 374 -30.42 4.52 21.58
CA LYS C 374 -29.18 5.03 22.15
C LYS C 374 -28.44 5.97 21.20
N ASP C 375 -28.99 6.23 20.02
CA ASP C 375 -28.38 7.12 19.04
C ASP C 375 -28.94 8.53 19.24
N THR C 376 -28.08 9.46 19.66
CA THR C 376 -28.51 10.81 19.95
C THR C 376 -29.02 11.53 18.70
N LYS C 377 -28.31 11.37 17.58
CA LYS C 377 -28.76 11.99 16.32
C LYS C 377 -30.14 11.51 15.94
N ILE C 378 -30.42 10.22 16.12
CA ILE C 378 -31.74 9.71 15.75
C ILE C 378 -32.81 10.37 16.61
N ILE C 379 -32.55 10.53 17.91
CA ILE C 379 -33.52 11.17 18.79
C ILE C 379 -33.75 12.62 18.36
N LEU C 380 -32.67 13.32 18.00
CA LEU C 380 -32.83 14.72 17.58
C LEU C 380 -33.62 14.81 16.27
N VAL C 381 -33.38 13.88 15.35
CA VAL C 381 -34.13 13.88 14.09
C VAL C 381 -35.61 13.61 14.37
N ILE C 382 -35.89 12.66 15.27
CA ILE C 382 -37.28 12.36 15.62
C ILE C 382 -37.94 13.59 16.24
N LEU C 383 -37.22 14.29 17.11
CA LEU C 383 -37.79 15.49 17.73
C LEU C 383 -38.03 16.57 16.68
N ASP C 384 -37.14 16.69 15.69
CA ASP C 384 -37.39 17.62 14.59
C ASP C 384 -38.65 17.22 13.82
N ALA C 385 -38.84 15.93 13.61
CA ALA C 385 -40.04 15.46 12.93
C ALA C 385 -41.30 15.79 13.72
N ILE C 386 -41.26 15.56 15.04
CA ILE C 386 -42.40 15.86 15.89
C ILE C 386 -42.70 17.34 15.87
N SER C 387 -41.66 18.17 15.89
CA SER C 387 -41.87 19.62 15.84
C SER C 387 -42.45 20.05 14.51
N ASN C 388 -41.99 19.46 13.40
CA ASN C 388 -42.58 19.78 12.11
C ASN C 388 -44.05 19.39 12.06
N ILE C 389 -44.38 18.22 12.59
CA ILE C 389 -45.78 17.79 12.63
C ILE C 389 -46.60 18.77 13.47
N PHE C 390 -46.05 19.21 14.60
CA PHE C 390 -46.75 20.17 15.44
C PHE C 390 -46.95 21.51 14.72
N GLN C 391 -45.97 21.92 13.92
CA GLN C 391 -46.09 23.19 13.21
C GLN C 391 -47.16 23.11 12.12
N ALA C 392 -47.24 21.98 11.43
CA ALA C 392 -48.36 21.75 10.52
C ALA C 392 -49.68 21.83 11.28
N ALA C 393 -49.74 21.17 12.44
CA ALA C 393 -50.96 21.23 13.25
C ALA C 393 -51.32 22.68 13.57
N GLU C 394 -50.33 23.49 13.93
CA GLU C 394 -50.57 24.89 14.21
C GLU C 394 -51.21 25.58 13.01
N LYS C 395 -50.65 25.38 11.82
CA LYS C 395 -51.30 25.96 10.64
C LYS C 395 -52.74 25.46 10.51
N LEU C 396 -53.03 24.25 10.98
CA LEU C 396 -54.39 23.76 10.94
C LEU C 396 -55.22 24.15 12.16
N GLY C 397 -54.57 24.51 13.27
CA GLY C 397 -55.32 24.78 14.48
C GLY C 397 -55.68 23.54 15.26
N GLU C 398 -54.90 22.47 15.07
CA GLU C 398 -55.16 21.18 15.69
C GLU C 398 -54.06 20.80 16.68
N THR C 399 -53.35 21.79 17.21
CA THR C 399 -52.24 21.51 18.12
C THR C 399 -52.70 20.74 19.35
N GLU C 400 -53.88 21.07 19.87
CA GLU C 400 -54.40 20.38 21.06
C GLU C 400 -54.73 18.93 20.75
N LYS C 401 -55.35 18.68 19.59
CA LYS C 401 -55.68 17.31 19.21
C LYS C 401 -54.43 16.47 19.07
N LEU C 402 -53.38 17.05 18.48
CA LEU C 402 -52.12 16.31 18.34
C LEU C 402 -51.46 16.09 19.68
N SER C 403 -51.50 17.08 20.57
CA SER C 403 -50.93 16.89 21.90
C SER C 403 -51.58 15.72 22.62
N ILE C 404 -52.92 15.66 22.59
CA ILE C 404 -53.60 14.56 23.27
C ILE C 404 -53.27 13.23 22.59
N MET C 405 -53.19 13.22 21.26
CA MET C 405 -52.80 12.01 20.56
C MET C 405 -51.44 11.52 21.03
N ILE C 406 -50.47 12.44 21.14
CA ILE C 406 -49.12 12.08 21.55
C ILE C 406 -49.12 11.58 22.99
N GLU C 407 -49.95 12.19 23.84
CA GLU C 407 -50.03 11.76 25.22
C GLU C 407 -50.61 10.35 25.34
N GLU C 408 -51.60 10.03 24.49
CA GLU C 408 -52.31 8.77 24.61
C GLU C 408 -51.54 7.58 24.02
N CYS C 409 -50.63 7.80 23.08
CA CYS C 409 -49.77 6.74 22.59
C CYS C 409 -48.52 6.57 23.44
N GLY C 410 -48.43 7.26 24.58
CA GLY C 410 -47.27 7.19 25.43
C GLY C 410 -46.11 8.06 25.00
N GLY C 411 -46.32 9.02 24.10
CA GLY C 411 -45.22 9.83 23.60
C GLY C 411 -44.76 10.90 24.57
N LEU C 412 -45.70 11.47 25.33
CA LEU C 412 -45.31 12.45 26.34
C LEU C 412 -44.38 11.84 27.36
N ASP C 413 -44.60 10.58 27.72
CA ASP C 413 -43.70 9.92 28.66
C ASP C 413 -42.29 9.86 28.10
N LYS C 414 -42.15 9.54 26.81
CA LYS C 414 -40.83 9.42 26.21
C LYS C 414 -40.14 10.77 26.11
N ILE C 415 -40.86 11.83 25.74
CA ILE C 415 -40.25 13.15 25.69
C ILE C 415 -39.83 13.62 27.08
N GLU C 416 -40.70 13.42 28.07
CA GLU C 416 -40.36 13.80 29.44
C GLU C 416 -39.14 13.03 29.92
N ALA C 417 -39.03 11.75 29.53
N ALA C 417 -39.03 11.75 29.53
CA ALA C 417 -37.84 10.98 29.87
CA ALA C 417 -37.84 10.98 29.87
C ALA C 417 -36.61 11.56 29.21
C ALA C 417 -36.61 11.56 29.21
N LEU C 418 -36.73 11.98 27.95
CA LEU C 418 -35.60 12.61 27.27
C LEU C 418 -35.17 13.88 27.98
N GLN C 419 -36.05 14.47 28.79
CA GLN C 419 -35.59 15.63 29.56
C GLN C 419 -34.54 15.28 30.63
N ASN C 420 -34.17 14.01 30.78
CA ASN C 420 -33.12 13.60 31.72
C ASN C 420 -31.90 13.03 31.01
N HIS C 421 -31.81 13.26 29.69
CA HIS C 421 -30.73 12.73 28.89
C HIS C 421 -29.42 13.47 29.15
N GLU C 422 -28.31 12.76 29.00
CA GLU C 422 -26.99 13.37 29.20
C GLU C 422 -26.77 14.50 28.20
N ASN C 423 -27.16 14.29 26.94
CA ASN C 423 -26.87 15.24 25.87
C ASN C 423 -27.70 16.50 26.04
N GLU C 424 -27.03 17.65 26.00
CA GLU C 424 -27.73 18.91 26.23
C GLU C 424 -28.65 19.26 25.07
N SER C 425 -28.34 18.82 23.85
CA SER C 425 -29.22 19.05 22.72
C SER C 425 -30.52 18.27 22.87
N VAL C 426 -30.44 16.99 23.24
CA VAL C 426 -31.65 16.20 23.46
C VAL C 426 -32.48 16.83 24.57
N TYR C 427 -31.81 17.21 25.66
CA TYR C 427 -32.50 17.84 26.78
C TYR C 427 -33.21 19.11 26.35
N LYS C 428 -32.52 19.99 25.61
CA LYS C 428 -33.13 21.24 25.20
C LYS C 428 -34.26 21.02 24.20
N ALA C 429 -34.11 20.08 23.28
CA ALA C 429 -35.17 19.81 22.31
C ALA C 429 -36.43 19.32 23.00
N SER C 430 -36.27 18.30 23.87
CA SER C 430 -37.42 17.76 24.58
C SER C 430 -38.02 18.80 25.53
N LEU C 431 -37.17 19.59 26.19
CA LEU C 431 -37.66 20.64 27.08
C LEU C 431 -38.45 21.69 26.31
N ASN C 432 -37.95 22.08 25.13
CA ASN C 432 -38.67 23.02 24.29
C ASN C 432 -40.05 22.47 23.92
N LEU C 433 -40.09 21.23 23.47
CA LEU C 433 -41.39 20.64 23.11
C LEU C 433 -42.33 20.61 24.31
N ILE C 434 -41.82 20.21 25.48
CA ILE C 434 -42.65 20.09 26.67
C ILE C 434 -43.18 21.45 27.10
N GLU C 435 -42.33 22.47 27.06
CA GLU C 435 -42.75 23.80 27.47
C GLU C 435 -43.67 24.44 26.43
N LYS C 436 -43.59 23.98 25.19
CA LYS C 436 -44.36 24.57 24.11
C LYS C 436 -45.75 23.98 23.96
N TYR C 437 -45.94 22.68 24.26
CA TYR C 437 -47.23 22.05 24.02
C TYR C 437 -47.79 21.25 25.18
N PHE C 438 -46.99 20.89 26.18
CA PHE C 438 -47.44 20.06 27.28
C PHE C 438 -47.34 20.74 28.63
N SER C 439 -46.98 22.02 28.69
CA SER C 439 -46.90 22.77 29.93
C SER C 439 -47.95 23.88 29.96
N VAL C 440 -49.22 23.48 30.02
CA VAL C 440 -50.29 24.46 30.06
C VAL C 440 -50.66 24.84 31.49
N GLU C 441 -50.28 24.02 32.47
CA GLU C 441 -50.46 24.36 33.88
C GLU C 441 -49.53 25.48 34.33
N GLU C 442 -48.47 25.77 33.57
CA GLU C 442 -47.55 26.85 33.90
C GLU C 442 -47.76 28.06 33.02
N GLU C 443 -48.90 28.12 32.33
CA GLU C 443 -49.32 29.31 31.61
C GLU C 443 -50.18 30.22 32.46
N GLU C 444 -50.58 29.74 33.63
CA GLU C 444 -51.29 30.56 34.61
C GLU C 444 -50.32 31.20 35.59
N ASP C 445 -49.18 30.54 35.81
CA ASP C 445 -48.09 31.09 36.60
C ASP C 445 -47.12 31.87 35.71
N GLN C 446 -47.68 32.75 34.89
CA GLN C 446 -46.89 33.48 33.91
C GLN C 446 -46.18 34.66 34.57
N THR C 447 -45.08 35.08 33.95
CA THR C 447 -44.24 36.15 34.46
C THR C 447 -44.64 37.48 33.81
N VAL C 448 -44.87 38.50 34.64
CA VAL C 448 -45.19 39.83 34.17
C VAL C 448 -43.90 40.64 34.08
N VAL C 449 -43.66 41.24 32.92
CA VAL C 449 -42.48 42.08 32.70
C VAL C 449 -42.91 43.32 31.92
N PRO C 450 -42.07 44.35 31.89
CA PRO C 450 -42.45 45.58 31.18
C PRO C 450 -42.56 45.36 29.68
N GLU C 451 -43.17 46.34 29.02
CA GLU C 451 -43.44 46.28 27.59
C GLU C 451 -44.38 45.13 27.25
N SER D 4 -35.79 20.69 10.05
CA SER D 4 -37.07 21.33 10.35
C SER D 4 -37.66 21.98 9.09
N ARG D 5 -38.80 22.63 9.25
CA ARG D 5 -39.58 23.10 8.11
C ARG D 5 -38.94 24.33 7.48
N ARG D 6 -39.07 24.43 6.16
CA ARG D 6 -38.52 25.51 5.35
C ARG D 6 -37.00 25.54 5.39
N ARG D 7 -36.37 24.48 5.89
CA ARG D 7 -34.93 24.38 5.85
C ARG D 7 -34.49 23.96 4.45
N ARG D 8 -33.31 24.43 4.05
CA ARG D 8 -32.80 24.12 2.72
C ARG D 8 -32.69 22.62 2.55
N ARG D 9 -33.47 22.07 1.62
CA ARG D 9 -33.48 20.61 1.46
C ARG D 9 -32.10 20.12 1.02
N ARG D 10 -31.72 18.97 1.54
CA ARG D 10 -30.40 18.41 1.27
C ARG D 10 -30.52 16.89 1.30
N LYS D 11 -29.85 16.25 0.35
CA LYS D 11 -29.74 14.80 0.29
C LYS D 11 -28.58 14.30 1.15
N ARG D 12 -28.70 13.08 1.65
CA ARG D 12 -27.61 12.41 2.37
C ARG D 12 -26.88 11.52 1.38
N LYS D 13 -25.64 11.88 1.07
CA LYS D 13 -24.84 11.09 0.14
C LYS D 13 -24.44 9.76 0.78
N ARG D 14 -24.01 8.83 -0.06
CA ARG D 14 -23.63 7.52 0.43
C ARG D 14 -22.39 7.63 1.33
N GLU D 15 -22.34 6.76 2.32
CA GLU D 15 -21.19 6.67 3.21
C GLU D 15 -20.27 5.55 2.71
N TRP D 16 -18.97 5.75 2.93
CA TRP D 16 -17.94 4.86 2.38
C TRP D 16 -18.04 3.46 2.97
N ASP D 17 -18.01 2.45 2.10
CA ASP D 17 -18.13 1.06 2.53
C ASP D 17 -17.69 0.11 1.41
N ASP D 18 -17.46 -1.15 1.80
CA ASP D 18 -17.18 -2.27 0.88
C ASP D 18 -18.05 -3.44 1.34
N ASP D 19 -19.30 -3.46 0.88
CA ASP D 19 -20.26 -4.46 1.34
C ASP D 19 -20.17 -5.81 0.63
N ASP D 20 -20.47 -5.84 -0.68
CA ASP D 20 -20.41 -7.05 -1.48
C ASP D 20 -19.94 -6.72 -2.90
N ASP D 21 -19.14 -5.66 -3.02
CA ASP D 21 -18.67 -5.20 -4.32
C ASP D 21 -17.88 -6.30 -5.02
N PRO D 22 -17.93 -6.35 -6.35
CA PRO D 22 -17.18 -7.38 -7.07
C PRO D 22 -15.73 -7.35 -6.62
N PRO D 23 -14.95 -8.36 -6.98
CA PRO D 23 -13.55 -8.39 -6.49
C PRO D 23 -12.72 -7.29 -7.13
N LYS D 24 -11.81 -6.76 -6.31
CA LYS D 24 -10.89 -5.74 -6.80
C LYS D 24 -9.74 -6.37 -7.57
N LYS D 25 -9.34 -7.57 -7.18
CA LYS D 25 -8.28 -8.32 -7.85
C LYS D 25 -8.71 -9.77 -7.95
N ARG D 26 -8.22 -10.46 -8.97
CA ARG D 26 -8.50 -11.88 -9.17
C ARG D 26 -7.22 -12.58 -9.63
N ARG D 27 -6.95 -13.73 -9.03
CA ARG D 27 -5.83 -14.59 -9.40
C ARG D 27 -6.32 -15.70 -10.32
N ARG D 28 -5.56 -15.97 -11.38
CA ARG D 28 -5.89 -17.04 -12.30
C ARG D 28 -5.19 -18.31 -11.88
N LEU D 29 -5.96 -19.38 -11.73
CA LEU D 29 -5.46 -20.63 -11.17
C LEU D 29 -5.58 -21.78 -12.17
N ASP D 30 -4.75 -22.78 -11.97
CA ASP D 30 -4.84 -24.03 -12.72
C ASP D 30 -4.14 -25.14 -11.92
#